data_8BM3
#
_entry.id   8BM3
#
_cell.length_a   88.720
_cell.length_b   61.620
_cell.length_c   144.240
_cell.angle_alpha   90.00
_cell.angle_beta   90.07
_cell.angle_gamma   90.00
#
_symmetry.space_group_name_H-M   'P 1 2 1'
#
loop_
_entity.id
_entity.type
_entity.pdbx_description
1 polymer 'Phosphatidylglycerophosphatase B'
2 non-polymer 'FARNESYL DIPHOSPHATE'
#
_entity_poly.entity_id   1
_entity_poly.type   'polypeptide(L)'
_entity_poly.pdbx_seq_one_letter_code
;MAMRSIARRTAVGAALLLVMPVAVWISGWRWQPGEQSWLLKAAFWVTETVTQPWGVITHLILFGWFLWCLRFRIKAAFVL
FAILAAAILVGQGVKSWIKDKVQEPRPFVIWLEKTHHIPVDEFYTLKRAERGNLVKEQLAEEKNIPQYLRSHWQKETGFA
FPSGHTMFAASWALLAVGLLWPRRRTLTIAILLVWATGVMGSRLLLGMAWPRDLVVATLISWALVAVATWLAQRICGPLT
PPAEENREIAQREQESRSHHHHHH
;
_entity_poly.pdbx_strand_id   A,B,C,D
#
loop_
_chem_comp.id
_chem_comp.type
_chem_comp.name
_chem_comp.formula
FPP non-polymer 'FARNESYL DIPHOSPHATE' 'C15 H28 O7 P2'
#
# COMPACT_ATOMS: atom_id res chain seq x y z
N MET A 3 -16.46 -17.58 -14.04
CA MET A 3 -16.83 -17.43 -12.63
C MET A 3 -16.37 -18.60 -11.76
N ARG A 4 -16.59 -19.85 -12.22
CA ARG A 4 -16.22 -21.09 -11.54
C ARG A 4 -14.78 -21.00 -11.00
N SER A 5 -13.86 -20.43 -11.84
CA SER A 5 -12.43 -20.24 -11.57
C SER A 5 -12.21 -19.28 -10.44
N ILE A 6 -12.82 -18.08 -10.51
CA ILE A 6 -12.74 -17.01 -9.51
C ILE A 6 -13.06 -17.57 -8.09
N ALA A 7 -14.16 -18.34 -7.97
CA ALA A 7 -14.60 -18.98 -6.74
C ALA A 7 -13.59 -20.00 -6.23
N ARG A 8 -12.99 -20.83 -7.13
CA ARG A 8 -11.98 -21.83 -6.74
C ARG A 8 -10.66 -21.16 -6.33
N ARG A 9 -10.11 -20.27 -7.20
CA ARG A 9 -8.88 -19.48 -7.00
C ARG A 9 -8.89 -18.77 -5.65
N THR A 10 -9.92 -17.95 -5.41
CA THR A 10 -10.04 -17.21 -4.16
C THR A 10 -10.27 -18.17 -3.00
N ALA A 11 -11.03 -19.28 -3.22
CA ALA A 11 -11.27 -20.28 -2.16
C ALA A 11 -9.97 -20.95 -1.71
N VAL A 12 -8.99 -21.14 -2.63
CA VAL A 12 -7.67 -21.71 -2.30
C VAL A 12 -6.90 -20.75 -1.37
N GLY A 13 -6.95 -19.45 -1.69
CA GLY A 13 -6.31 -18.40 -0.91
C GLY A 13 -6.98 -18.21 0.44
N ALA A 14 -8.31 -18.40 0.48
CA ALA A 14 -9.13 -18.30 1.68
C ALA A 14 -8.71 -19.43 2.62
N ALA A 15 -8.49 -20.64 2.05
CA ALA A 15 -8.03 -21.84 2.77
C ALA A 15 -6.70 -21.57 3.47
N LEU A 16 -5.74 -20.96 2.74
CA LEU A 16 -4.40 -20.60 3.21
C LEU A 16 -4.42 -19.57 4.35
N LEU A 17 -5.39 -18.63 4.33
CA LEU A 17 -5.48 -17.62 5.38
C LEU A 17 -6.15 -18.23 6.62
N LEU A 18 -7.24 -19.03 6.38
CA LEU A 18 -8.04 -19.72 7.39
C LEU A 18 -7.22 -20.60 8.37
N VAL A 19 -6.05 -21.11 7.93
CA VAL A 19 -5.09 -21.94 8.68
C VAL A 19 -4.74 -21.35 10.05
N MET A 20 -4.25 -20.10 10.04
CA MET A 20 -3.84 -19.39 11.25
C MET A 20 -4.96 -19.32 12.32
N PRO A 21 -6.15 -18.69 12.07
CA PRO A 21 -7.20 -18.70 13.11
C PRO A 21 -7.78 -20.08 13.48
N VAL A 22 -7.83 -21.05 12.54
CA VAL A 22 -8.29 -22.44 12.80
C VAL A 22 -7.32 -23.13 13.77
N ALA A 23 -6.01 -22.86 13.60
CA ALA A 23 -4.97 -23.38 14.45
C ALA A 23 -5.06 -22.72 15.83
N VAL A 24 -5.16 -21.36 15.90
CA VAL A 24 -5.29 -20.58 17.15
C VAL A 24 -6.58 -20.95 17.89
N TRP A 25 -7.62 -21.39 17.15
CA TRP A 25 -8.92 -21.84 17.66
C TRP A 25 -8.78 -23.17 18.43
N ILE A 26 -8.33 -24.23 17.72
CA ILE A 26 -8.07 -25.59 18.20
C ILE A 26 -7.14 -25.57 19.43
N SER A 27 -6.12 -24.69 19.43
CA SER A 27 -5.19 -24.59 20.55
C SER A 27 -5.91 -24.16 21.82
N GLY A 28 -6.99 -23.40 21.66
CA GLY A 28 -7.77 -22.87 22.79
C GLY A 28 -6.99 -21.79 23.51
N TRP A 29 -6.18 -21.06 22.73
CA TRP A 29 -5.32 -19.99 23.19
C TRP A 29 -6.16 -18.86 23.70
N ARG A 30 -5.85 -18.39 24.94
CA ARG A 30 -6.49 -17.26 25.62
C ARG A 30 -5.47 -16.16 25.89
N TRP A 31 -5.71 -14.97 25.29
CA TRP A 31 -4.87 -13.77 25.38
C TRP A 31 -4.64 -13.35 26.83
N GLN A 32 -3.40 -12.97 27.15
CA GLN A 32 -3.02 -12.48 28.48
C GLN A 32 -2.32 -11.09 28.35
N PRO A 33 -2.39 -10.20 29.36
CA PRO A 33 -1.78 -8.86 29.19
C PRO A 33 -0.28 -8.79 29.46
N GLY A 34 0.33 -7.68 29.03
CA GLY A 34 1.74 -7.35 29.17
C GLY A 34 2.69 -8.35 28.54
N GLU A 35 2.26 -8.95 27.40
CA GLU A 35 2.96 -9.97 26.63
C GLU A 35 4.35 -9.57 26.11
N GLN A 36 4.94 -10.39 25.23
CA GLN A 36 6.26 -10.19 24.64
C GLN A 36 6.39 -8.83 23.93
N SER A 37 6.97 -7.84 24.66
CA SER A 37 7.18 -6.44 24.29
C SER A 37 7.68 -6.23 22.88
N TRP A 38 8.69 -7.02 22.46
CA TRP A 38 9.29 -6.95 21.11
C TRP A 38 8.33 -7.46 20.03
N LEU A 39 7.54 -8.48 20.37
CA LEU A 39 6.59 -9.13 19.46
C LEU A 39 5.32 -8.30 19.35
N LEU A 40 4.97 -7.56 20.42
CA LEU A 40 3.79 -6.70 20.47
C LEU A 40 3.98 -5.45 19.61
N LYS A 41 5.18 -4.83 19.66
CA LYS A 41 5.56 -3.66 18.86
C LYS A 41 5.55 -4.05 17.38
N ALA A 42 6.09 -5.24 17.05
CA ALA A 42 6.12 -5.80 15.69
C ALA A 42 4.69 -6.04 15.23
N ALA A 43 3.83 -6.70 16.08
CA ALA A 43 2.40 -6.99 15.82
C ALA A 43 1.61 -5.69 15.57
N PHE A 44 1.75 -4.69 16.47
CA PHE A 44 1.08 -3.39 16.37
C PHE A 44 1.43 -2.67 15.09
N TRP A 45 2.71 -2.67 14.68
CA TRP A 45 3.13 -2.03 13.43
C TRP A 45 2.52 -2.77 12.23
N VAL A 46 2.39 -4.10 12.32
CA VAL A 46 1.73 -4.85 11.25
C VAL A 46 0.30 -4.30 11.20
N THR A 47 -0.35 -4.14 12.39
CA THR A 47 -1.73 -3.64 12.53
C THR A 47 -1.83 -2.20 12.01
N GLU A 48 -0.73 -1.44 12.08
CA GLU A 48 -0.73 -0.05 11.64
C GLU A 48 -0.81 0.11 10.13
N THR A 49 -0.59 -0.98 9.37
CA THR A 49 -0.69 -0.97 7.90
C THR A 49 -2.17 -0.95 7.45
N VAL A 50 -3.10 -1.32 8.36
CA VAL A 50 -4.54 -1.48 8.11
C VAL A 50 -5.47 -0.46 8.86
N THR A 51 -5.16 -0.09 10.14
CA THR A 51 -6.00 0.87 10.89
C THR A 51 -5.84 2.27 10.33
N GLN A 52 -6.97 3.00 10.16
CA GLN A 52 -7.07 4.34 9.56
C GLN A 52 -6.22 5.39 10.30
N PRO A 53 -5.58 6.36 9.60
CA PRO A 53 -5.65 6.71 8.16
C PRO A 53 -4.92 5.78 7.19
N TRP A 54 -4.00 4.96 7.70
CA TRP A 54 -3.17 4.05 6.91
C TRP A 54 -3.98 2.99 6.15
N GLY A 55 -5.27 2.84 6.50
CA GLY A 55 -6.23 1.95 5.87
C GLY A 55 -6.52 2.39 4.44
N VAL A 56 -6.72 3.70 4.26
CA VAL A 56 -6.98 4.30 2.95
C VAL A 56 -5.69 4.25 2.11
N ILE A 57 -4.54 4.70 2.68
CA ILE A 57 -3.21 4.69 2.07
C ILE A 57 -2.88 3.34 1.44
N THR A 58 -3.04 2.24 2.23
CA THR A 58 -2.80 0.85 1.83
C THR A 58 -3.75 0.46 0.68
N HIS A 59 -5.09 0.68 0.85
CA HIS A 59 -6.11 0.40 -0.19
C HIS A 59 -5.68 1.05 -1.50
N LEU A 60 -5.22 2.32 -1.43
CA LEU A 60 -4.78 3.08 -2.59
C LEU A 60 -3.51 2.53 -3.18
N ILE A 61 -2.44 2.38 -2.37
CA ILE A 61 -1.15 1.83 -2.80
C ILE A 61 -1.38 0.46 -3.46
N LEU A 62 -2.19 -0.40 -2.82
CA LEU A 62 -2.55 -1.71 -3.32
C LEU A 62 -3.29 -1.61 -4.66
N PHE A 63 -4.37 -0.79 -4.74
CA PHE A 63 -5.11 -0.59 -6.00
C PHE A 63 -4.16 -0.11 -7.10
N GLY A 64 -3.23 0.79 -6.75
CA GLY A 64 -2.22 1.32 -7.66
C GLY A 64 -1.33 0.24 -8.24
N TRP A 65 -0.91 -0.71 -7.40
CA TRP A 65 -0.10 -1.86 -7.79
C TRP A 65 -0.94 -2.87 -8.58
N PHE A 66 -2.21 -3.08 -8.16
CA PHE A 66 -3.19 -3.98 -8.80
C PHE A 66 -3.46 -3.55 -10.21
N LEU A 67 -3.90 -2.29 -10.41
CA LEU A 67 -4.15 -1.70 -11.75
C LEU A 67 -2.90 -1.78 -12.62
N TRP A 68 -1.72 -1.53 -12.01
CA TRP A 68 -0.44 -1.61 -12.70
C TRP A 68 -0.18 -3.01 -13.23
N CYS A 69 -0.57 -4.06 -12.49
CA CYS A 69 -0.38 -5.44 -12.90
C CYS A 69 -1.36 -5.80 -14.00
N LEU A 70 -2.68 -5.61 -13.73
CA LEU A 70 -3.82 -5.90 -14.62
C LEU A 70 -3.72 -5.23 -15.98
N ARG A 71 -3.13 -4.02 -15.99
CA ARG A 71 -2.85 -3.16 -17.15
C ARG A 71 -4.11 -2.81 -17.94
N PHE A 72 -5.05 -2.12 -17.26
CA PHE A 72 -6.33 -1.70 -17.83
C PHE A 72 -6.24 -0.28 -18.44
N ARG A 73 -7.20 0.07 -19.34
CA ARG A 73 -7.35 1.40 -19.99
C ARG A 73 -7.77 2.45 -18.92
N ILE A 74 -7.84 3.75 -19.29
CA ILE A 74 -8.28 4.78 -18.36
C ILE A 74 -9.74 4.54 -17.91
N LYS A 75 -10.64 4.29 -18.89
CA LYS A 75 -12.06 4.00 -18.66
C LYS A 75 -12.24 2.78 -17.70
N ALA A 76 -11.49 1.68 -17.94
CA ALA A 76 -11.53 0.45 -17.13
C ALA A 76 -10.95 0.69 -15.77
N ALA A 77 -9.82 1.43 -15.69
CA ALA A 77 -9.12 1.72 -14.43
C ALA A 77 -10.08 2.29 -13.40
N PHE A 78 -10.91 3.27 -13.85
CA PHE A 78 -11.93 3.96 -13.08
C PHE A 78 -12.89 2.93 -12.47
N VAL A 79 -13.38 2.00 -13.32
CA VAL A 79 -14.29 0.92 -12.95
C VAL A 79 -13.60 -0.02 -11.95
N LEU A 80 -12.29 -0.36 -12.18
CA LEU A 80 -11.50 -1.22 -11.29
C LEU A 80 -11.41 -0.59 -9.88
N PHE A 81 -11.27 0.75 -9.82
CA PHE A 81 -11.24 1.42 -8.54
C PHE A 81 -12.59 1.35 -7.85
N ALA A 82 -13.69 1.75 -8.54
CA ALA A 82 -15.06 1.72 -8.03
C ALA A 82 -15.45 0.35 -7.48
N ILE A 83 -15.01 -0.73 -8.17
CA ILE A 83 -15.26 -2.12 -7.78
C ILE A 83 -14.56 -2.46 -6.46
N LEU A 84 -13.23 -2.25 -6.42
CA LEU A 84 -12.40 -2.52 -5.25
C LEU A 84 -12.81 -1.66 -4.09
N ALA A 85 -13.04 -0.36 -4.30
CA ALA A 85 -13.48 0.53 -3.25
C ALA A 85 -14.78 -0.05 -2.66
N ALA A 86 -15.78 -0.36 -3.53
CA ALA A 86 -17.04 -0.97 -3.10
C ALA A 86 -16.79 -2.26 -2.31
N ALA A 87 -15.85 -3.11 -2.79
CA ALA A 87 -15.47 -4.40 -2.20
C ALA A 87 -15.04 -4.24 -0.77
N ILE A 88 -14.08 -3.34 -0.53
CA ILE A 88 -13.57 -3.12 0.83
C ILE A 88 -14.62 -2.40 1.73
N LEU A 89 -15.44 -1.52 1.13
CA LEU A 89 -16.47 -0.76 1.84
C LEU A 89 -17.73 -1.61 2.21
N VAL A 90 -18.04 -2.66 1.41
CA VAL A 90 -19.16 -3.55 1.70
C VAL A 90 -18.71 -4.48 2.82
N GLY A 91 -17.43 -4.86 2.77
CA GLY A 91 -16.78 -5.71 3.77
C GLY A 91 -16.85 -5.11 5.16
N GLN A 92 -16.56 -3.78 5.27
CA GLN A 92 -16.61 -3.07 6.55
C GLN A 92 -18.03 -2.76 6.99
N GLY A 93 -18.93 -2.55 6.03
CA GLY A 93 -20.35 -2.32 6.28
C GLY A 93 -21.09 -3.55 6.79
N VAL A 94 -20.64 -4.74 6.37
CA VAL A 94 -21.15 -6.06 6.80
C VAL A 94 -20.71 -6.26 8.28
N LYS A 95 -19.39 -6.06 8.55
CA LYS A 95 -18.70 -6.14 9.85
C LYS A 95 -19.45 -5.38 10.96
N SER A 96 -20.00 -4.20 10.64
CA SER A 96 -20.74 -3.38 11.58
C SER A 96 -22.16 -3.89 11.84
N TRP A 97 -22.96 -4.17 10.77
CA TRP A 97 -24.33 -4.67 10.95
C TRP A 97 -24.36 -6.13 11.39
N ILE A 98 -23.23 -6.61 11.96
CA ILE A 98 -23.04 -7.92 12.57
C ILE A 98 -22.60 -7.70 14.02
N LYS A 99 -21.51 -6.94 14.23
CA LYS A 99 -20.99 -6.65 15.55
C LYS A 99 -22.10 -6.24 16.47
N ASP A 100 -22.84 -5.15 16.13
CA ASP A 100 -23.96 -4.54 16.89
C ASP A 100 -25.09 -5.51 17.20
N LYS A 101 -25.19 -6.58 16.38
CA LYS A 101 -26.22 -7.59 16.48
C LYS A 101 -25.78 -8.81 17.31
N VAL A 102 -24.48 -9.19 17.25
CA VAL A 102 -23.92 -10.33 17.99
C VAL A 102 -23.44 -9.91 19.40
N GLN A 103 -23.07 -8.64 19.56
CA GLN A 103 -22.64 -7.99 20.81
C GLN A 103 -21.54 -8.78 21.58
N GLU A 104 -20.54 -9.30 20.84
CA GLU A 104 -19.40 -10.05 21.34
C GLU A 104 -18.36 -9.08 21.94
N PRO A 105 -17.83 -9.33 23.15
CA PRO A 105 -16.81 -8.43 23.72
C PRO A 105 -15.38 -8.73 23.26
N ARG A 106 -14.50 -7.71 23.32
CA ARG A 106 -13.10 -7.84 22.90
C ARG A 106 -12.25 -8.48 24.00
N PRO A 107 -11.19 -9.26 23.68
CA PRO A 107 -10.32 -9.82 24.73
C PRO A 107 -9.77 -8.82 25.76
N PHE A 108 -9.38 -7.58 25.35
CA PHE A 108 -8.84 -6.61 26.31
C PHE A 108 -9.93 -6.09 27.23
N VAL A 109 -11.16 -5.90 26.69
CA VAL A 109 -12.33 -5.40 27.42
C VAL A 109 -12.70 -6.39 28.53
N ILE A 110 -12.82 -7.68 28.19
CA ILE A 110 -13.14 -8.75 29.15
C ILE A 110 -12.15 -8.74 30.31
N TRP A 111 -10.85 -8.54 30.03
CA TRP A 111 -9.82 -8.45 31.05
C TRP A 111 -9.92 -7.15 31.87
N LEU A 112 -9.94 -5.98 31.19
CA LEU A 112 -9.99 -4.65 31.81
C LEU A 112 -11.20 -4.46 32.72
N GLU A 113 -12.38 -4.89 32.25
CA GLU A 113 -13.62 -4.78 33.01
C GLU A 113 -13.74 -5.85 34.09
N LYS A 114 -13.14 -7.05 33.88
CA LYS A 114 -13.14 -8.08 34.91
C LYS A 114 -12.18 -7.66 36.02
N THR A 115 -11.03 -7.02 35.66
CA THR A 115 -10.03 -6.54 36.63
C THR A 115 -10.52 -5.36 37.43
N HIS A 116 -11.33 -4.47 36.80
CA HIS A 116 -11.92 -3.32 37.48
C HIS A 116 -13.30 -3.66 38.08
N HIS A 117 -13.66 -4.97 38.05
CA HIS A 117 -14.89 -5.61 38.54
C HIS A 117 -16.16 -4.81 38.15
N ILE A 118 -16.19 -4.39 36.85
CA ILE A 118 -17.25 -3.67 36.12
C ILE A 118 -17.85 -4.68 35.13
N PRO A 119 -19.19 -4.90 35.11
CA PRO A 119 -19.76 -5.87 34.15
C PRO A 119 -19.49 -5.47 32.70
N VAL A 120 -19.10 -6.45 31.88
CA VAL A 120 -18.78 -6.22 30.47
C VAL A 120 -20.04 -5.80 29.68
N ASP A 121 -21.22 -6.32 30.08
CA ASP A 121 -22.51 -5.97 29.49
C ASP A 121 -22.89 -4.51 29.82
N GLU A 122 -22.65 -4.06 31.08
CA GLU A 122 -22.89 -2.68 31.51
C GLU A 122 -21.83 -1.73 30.93
N PHE A 123 -20.62 -2.23 30.62
CA PHE A 123 -19.59 -1.42 29.99
C PHE A 123 -20.07 -1.04 28.60
N TYR A 124 -20.65 -2.01 27.83
CA TYR A 124 -21.15 -1.81 26.48
C TYR A 124 -22.51 -1.08 26.39
N THR A 125 -23.10 -0.76 27.55
CA THR A 125 -24.36 0.01 27.67
C THR A 125 -24.03 1.49 27.41
N LEU A 126 -22.79 1.90 27.78
CA LEU A 126 -22.25 3.26 27.65
C LEU A 126 -21.99 3.70 26.20
N LYS A 127 -21.90 5.04 26.01
CA LYS A 127 -21.60 5.70 24.74
C LYS A 127 -20.15 5.32 24.35
N ARG A 128 -19.89 4.99 23.06
CA ARG A 128 -18.56 4.62 22.54
C ARG A 128 -17.51 5.69 22.90
N ALA A 129 -17.98 6.95 23.08
CA ALA A 129 -17.19 8.12 23.47
C ALA A 129 -16.81 8.02 24.94
N GLU A 130 -17.77 7.68 25.82
CA GLU A 130 -17.50 7.56 27.24
C GLU A 130 -16.86 6.21 27.61
N ARG A 131 -16.93 5.21 26.71
CA ARG A 131 -16.26 3.92 26.91
C ARG A 131 -14.76 4.15 26.73
N GLY A 132 -14.42 4.99 25.74
CA GLY A 132 -13.05 5.42 25.45
C GLY A 132 -12.48 6.30 26.55
N ASN A 133 -13.36 7.10 27.22
CA ASN A 133 -13.03 7.96 28.35
C ASN A 133 -12.72 7.08 29.57
N LEU A 134 -13.47 5.96 29.71
CA LEU A 134 -13.35 4.99 30.80
C LEU A 134 -12.08 4.15 30.65
N VAL A 135 -11.83 3.64 29.42
CA VAL A 135 -10.67 2.81 29.06
C VAL A 135 -9.34 3.57 29.21
N LYS A 136 -9.33 4.90 28.93
CA LYS A 136 -8.17 5.80 29.07
C LYS A 136 -7.81 5.93 30.56
N GLU A 137 -8.84 6.08 31.39
CA GLU A 137 -8.75 6.26 32.83
C GLU A 137 -8.45 4.95 33.59
N GLN A 138 -9.03 3.83 33.17
CA GLN A 138 -8.80 2.55 33.83
C GLN A 138 -7.39 2.01 33.54
N LEU A 139 -6.94 2.16 32.28
CA LEU A 139 -5.63 1.70 31.81
C LEU A 139 -4.49 2.50 32.40
N ALA A 140 -4.72 3.81 32.68
CA ALA A 140 -3.72 4.70 33.27
C ALA A 140 -3.26 4.19 34.64
N GLU A 141 -4.11 3.36 35.29
CA GLU A 141 -3.87 2.73 36.60
C GLU A 141 -2.98 1.46 36.46
N GLU A 142 -3.06 0.75 35.29
CA GLU A 142 -2.30 -0.48 34.98
C GLU A 142 -0.78 -0.25 34.88
N LYS A 143 -0.35 0.67 33.96
CA LYS A 143 1.03 1.10 33.68
C LYS A 143 1.91 -0.04 33.12
N ASN A 144 1.45 -1.28 33.28
CA ASN A 144 2.07 -2.51 32.82
C ASN A 144 1.89 -2.64 31.30
N ILE A 145 0.83 -1.99 30.76
CA ILE A 145 0.46 -1.97 29.34
C ILE A 145 1.15 -0.79 28.62
N PRO A 146 1.80 -1.02 27.44
CA PRO A 146 2.51 0.07 26.75
C PRO A 146 1.60 1.16 26.19
N GLN A 147 2.10 2.41 26.15
CA GLN A 147 1.37 3.61 25.71
C GLN A 147 0.87 3.53 24.26
N TYR A 148 1.56 2.81 23.35
CA TYR A 148 1.09 2.68 21.97
C TYR A 148 -0.21 1.86 21.87
N LEU A 149 -0.27 0.79 22.68
CA LEU A 149 -1.38 -0.15 22.77
C LEU A 149 -2.50 0.47 23.61
N ARG A 150 -2.15 1.10 24.75
CA ARG A 150 -3.04 1.79 25.70
C ARG A 150 -3.93 2.82 24.98
N SER A 151 -3.32 3.62 24.05
CA SER A 151 -3.98 4.66 23.24
C SER A 151 -4.80 4.06 22.12
N HIS A 152 -4.36 2.89 21.60
CA HIS A 152 -5.04 2.15 20.53
C HIS A 152 -6.31 1.52 21.08
N TRP A 153 -6.27 1.10 22.35
CA TRP A 153 -7.40 0.48 23.02
C TRP A 153 -8.55 1.47 23.23
N GLN A 154 -8.27 2.68 23.78
CA GLN A 154 -9.25 3.78 24.01
C GLN A 154 -9.95 4.11 22.69
N LYS A 155 -9.13 4.23 21.63
CA LYS A 155 -9.45 4.55 20.26
C LYS A 155 -10.44 3.53 19.67
N GLU A 156 -10.18 2.23 19.89
CA GLU A 156 -11.02 1.17 19.35
C GLU A 156 -12.35 0.96 20.05
N THR A 157 -12.35 0.43 21.31
CA THR A 157 -13.55 0.03 22.10
C THR A 157 -14.46 -0.84 21.17
N GLY A 158 -15.72 -1.00 21.53
CA GLY A 158 -16.67 -1.75 20.71
C GLY A 158 -16.56 -3.26 20.69
N PHE A 159 -17.39 -3.88 19.86
CA PHE A 159 -17.52 -5.32 19.75
C PHE A 159 -16.37 -5.99 19.01
N ALA A 160 -16.27 -7.34 19.11
CA ALA A 160 -15.19 -8.12 18.49
C ALA A 160 -15.58 -8.94 17.25
N PHE A 161 -16.83 -9.51 17.22
CA PHE A 161 -17.29 -10.39 16.13
C PHE A 161 -18.10 -9.74 14.98
N PRO A 162 -17.60 -9.80 13.68
CA PRO A 162 -16.32 -10.33 13.17
C PRO A 162 -15.15 -9.31 13.08
N SER A 163 -13.96 -9.76 12.61
CA SER A 163 -12.72 -8.96 12.57
C SER A 163 -12.55 -8.02 11.36
N GLY A 164 -12.79 -6.74 11.59
CA GLY A 164 -12.64 -5.68 10.58
C GLY A 164 -11.31 -5.56 9.85
N HIS A 165 -10.17 -5.50 10.59
CA HIS A 165 -8.81 -5.45 10.02
C HIS A 165 -8.61 -6.65 9.10
N THR A 166 -8.89 -7.87 9.62
CA THR A 166 -8.74 -9.16 8.93
C THR A 166 -9.74 -9.32 7.81
N MET A 167 -10.56 -8.29 7.56
CA MET A 167 -11.47 -8.28 6.44
C MET A 167 -10.85 -7.42 5.37
N PHE A 168 -10.32 -6.23 5.76
CA PHE A 168 -9.57 -5.37 4.86
C PHE A 168 -8.40 -6.21 4.28
N ALA A 169 -7.50 -6.68 5.16
CA ALA A 169 -6.32 -7.48 4.83
C ALA A 169 -6.62 -8.81 4.09
N ALA A 170 -7.60 -9.62 4.58
CA ALA A 170 -7.97 -10.87 3.92
C ALA A 170 -8.51 -10.58 2.52
N SER A 171 -9.41 -9.56 2.41
CA SER A 171 -9.98 -9.15 1.12
C SER A 171 -8.90 -8.81 0.10
N TRP A 172 -7.82 -8.08 0.50
CA TRP A 172 -6.75 -7.71 -0.42
C TRP A 172 -5.87 -8.88 -0.85
N ALA A 173 -5.62 -9.86 0.06
CA ALA A 173 -4.86 -11.07 -0.29
C ALA A 173 -5.73 -11.93 -1.24
N LEU A 174 -7.06 -11.93 -1.00
CA LEU A 174 -8.02 -12.66 -1.82
C LEU A 174 -8.24 -12.00 -3.16
N LEU A 175 -8.18 -10.65 -3.21
CA LEU A 175 -8.29 -9.91 -4.47
C LEU A 175 -7.07 -10.17 -5.32
N ALA A 176 -5.90 -10.43 -4.66
CA ALA A 176 -4.64 -10.77 -5.33
C ALA A 176 -4.79 -12.12 -6.05
N VAL A 177 -5.44 -13.12 -5.40
CA VAL A 177 -5.68 -14.41 -6.07
C VAL A 177 -6.80 -14.27 -7.11
N GLY A 178 -7.75 -13.38 -6.85
CA GLY A 178 -8.87 -13.15 -7.75
C GLY A 178 -8.58 -12.28 -8.95
N LEU A 179 -7.43 -11.57 -8.97
CA LEU A 179 -7.13 -10.69 -10.10
C LEU A 179 -5.73 -10.82 -10.66
N LEU A 180 -4.76 -11.19 -9.82
CA LEU A 180 -3.36 -11.24 -10.23
C LEU A 180 -2.82 -12.66 -10.42
N TRP A 181 -3.63 -13.69 -10.14
CA TRP A 181 -3.22 -15.06 -10.40
C TRP A 181 -3.32 -15.42 -11.88
N PRO A 182 -4.24 -14.88 -12.71
CA PRO A 182 -4.25 -15.25 -14.14
C PRO A 182 -3.00 -14.72 -14.86
N ARG A 183 -2.47 -13.58 -14.39
CA ARG A 183 -1.24 -12.93 -14.85
C ARG A 183 -0.03 -13.64 -14.18
N ARG A 184 -0.34 -14.53 -13.20
CA ARG A 184 0.53 -15.39 -12.39
C ARG A 184 1.54 -14.59 -11.57
N ARG A 185 1.10 -13.45 -10.98
CA ARG A 185 1.99 -12.65 -10.14
C ARG A 185 2.03 -13.20 -8.69
N THR A 186 2.84 -14.28 -8.54
CA THR A 186 3.10 -15.07 -7.33
C THR A 186 3.65 -14.25 -6.17
N LEU A 187 4.68 -13.42 -6.41
CA LEU A 187 5.30 -12.59 -5.38
C LEU A 187 4.25 -11.79 -4.62
N THR A 188 3.40 -11.05 -5.35
CA THR A 188 2.32 -10.23 -4.81
C THR A 188 1.34 -11.07 -3.98
N ILE A 189 0.81 -12.16 -4.58
CA ILE A 189 -0.13 -13.10 -3.92
C ILE A 189 0.46 -13.60 -2.60
N ALA A 190 1.72 -14.12 -2.63
CA ALA A 190 2.47 -14.64 -1.48
C ALA A 190 2.68 -13.57 -0.41
N ILE A 191 3.17 -12.38 -0.82
CA ILE A 191 3.41 -11.25 0.08
C ILE A 191 2.10 -10.87 0.78
N LEU A 192 1.04 -10.64 -0.01
CA LEU A 192 -0.26 -10.24 0.53
C LEU A 192 -0.88 -11.27 1.44
N LEU A 193 -0.62 -12.58 1.20
CA LEU A 193 -1.13 -13.65 2.06
C LEU A 193 -0.45 -13.56 3.43
N VAL A 194 0.91 -13.46 3.41
CA VAL A 194 1.73 -13.36 4.62
C VAL A 194 1.39 -12.07 5.39
N TRP A 195 1.24 -10.94 4.68
CA TRP A 195 0.85 -9.66 5.27
C TRP A 195 -0.50 -9.78 5.95
N ALA A 196 -1.52 -10.31 5.25
CA ALA A 196 -2.84 -10.46 5.85
C ALA A 196 -2.76 -11.38 7.06
N THR A 197 -2.05 -12.54 6.94
CA THR A 197 -1.90 -13.48 8.06
C THR A 197 -1.26 -12.80 9.28
N GLY A 198 -0.26 -11.95 9.04
CA GLY A 198 0.39 -11.19 10.11
C GLY A 198 -0.54 -10.23 10.84
N VAL A 199 -1.50 -9.66 10.08
CA VAL A 199 -2.52 -8.73 10.57
C VAL A 199 -3.49 -9.55 11.41
N MET A 200 -3.81 -10.76 10.95
CA MET A 200 -4.69 -11.70 11.66
C MET A 200 -4.04 -12.17 12.91
N GLY A 201 -2.72 -12.34 12.86
CA GLY A 201 -1.90 -12.71 14.00
C GLY A 201 -1.89 -11.56 14.99
N SER A 202 -1.60 -10.35 14.47
CA SER A 202 -1.54 -9.10 15.21
C SER A 202 -2.82 -8.77 15.98
N ARG A 203 -3.99 -9.12 15.41
CA ARG A 203 -5.27 -8.86 16.04
C ARG A 203 -5.54 -9.74 17.28
N LEU A 204 -4.97 -10.96 17.29
CA LEU A 204 -5.08 -11.86 18.42
C LEU A 204 -4.07 -11.39 19.47
N LEU A 205 -2.79 -11.11 19.06
CA LEU A 205 -1.65 -10.67 19.87
C LEU A 205 -1.92 -9.41 20.71
N LEU A 206 -2.70 -8.43 20.16
CA LEU A 206 -3.03 -7.17 20.85
C LEU A 206 -4.38 -7.24 21.64
N GLY A 207 -4.90 -8.45 21.86
CA GLY A 207 -6.14 -8.72 22.59
C GLY A 207 -7.37 -8.03 22.06
N MET A 208 -7.59 -8.11 20.74
CA MET A 208 -8.68 -7.40 20.09
C MET A 208 -9.79 -8.27 19.51
N ALA A 209 -9.41 -9.45 18.96
CA ALA A 209 -10.33 -10.39 18.32
C ALA A 209 -10.11 -11.87 18.74
N TRP A 210 -11.11 -12.72 18.38
CA TRP A 210 -11.13 -14.17 18.61
C TRP A 210 -10.97 -14.87 17.25
N PRO A 211 -10.38 -16.10 17.17
CA PRO A 211 -10.26 -16.78 15.86
C PRO A 211 -11.61 -17.01 15.18
N ARG A 212 -12.70 -17.03 15.98
CA ARG A 212 -14.10 -17.15 15.56
C ARG A 212 -14.38 -15.97 14.60
N ASP A 213 -13.93 -14.73 14.97
CA ASP A 213 -14.07 -13.50 14.19
C ASP A 213 -13.27 -13.58 12.93
N LEU A 214 -12.05 -14.19 12.98
CA LEU A 214 -11.10 -14.35 11.85
C LEU A 214 -11.55 -15.39 10.80
N VAL A 215 -12.10 -16.51 11.26
CA VAL A 215 -12.61 -17.62 10.45
C VAL A 215 -13.93 -17.20 9.75
N VAL A 216 -14.68 -16.31 10.38
CA VAL A 216 -15.91 -15.81 9.80
C VAL A 216 -15.58 -14.61 8.89
N ALA A 217 -14.68 -13.69 9.35
CA ALA A 217 -14.21 -12.53 8.56
C ALA A 217 -13.50 -12.95 7.25
N THR A 218 -12.80 -14.10 7.24
CA THR A 218 -12.14 -14.60 6.03
C THR A 218 -13.19 -15.15 5.13
N LEU A 219 -14.22 -15.76 5.68
CA LEU A 219 -15.30 -16.34 4.88
C LEU A 219 -16.11 -15.28 4.17
N ILE A 220 -16.41 -14.16 4.85
CA ILE A 220 -17.13 -13.01 4.28
C ILE A 220 -16.26 -12.37 3.16
N SER A 221 -14.97 -12.03 3.47
CA SER A 221 -13.97 -11.48 2.55
C SER A 221 -13.88 -12.31 1.27
N TRP A 222 -13.97 -13.65 1.41
CA TRP A 222 -13.94 -14.57 0.28
C TRP A 222 -15.18 -14.40 -0.57
N ALA A 223 -16.39 -14.56 0.03
CA ALA A 223 -17.68 -14.42 -0.64
C ALA A 223 -17.82 -13.07 -1.37
N LEU A 224 -17.33 -11.99 -0.74
CA LEU A 224 -17.32 -10.65 -1.31
C LEU A 224 -16.33 -10.52 -2.47
N VAL A 225 -15.06 -10.98 -2.28
CA VAL A 225 -14.00 -10.96 -3.31
C VAL A 225 -14.39 -11.82 -4.56
N ALA A 226 -15.02 -13.00 -4.34
CA ALA A 226 -15.45 -13.92 -5.39
C ALA A 226 -16.50 -13.28 -6.32
N VAL A 227 -17.11 -12.17 -5.86
CA VAL A 227 -18.10 -11.42 -6.62
C VAL A 227 -17.40 -10.24 -7.27
N ALA A 228 -16.69 -9.46 -6.43
CA ALA A 228 -15.91 -8.28 -6.79
C ALA A 228 -14.96 -8.56 -7.96
N THR A 229 -14.21 -9.69 -7.90
CA THR A 229 -13.27 -10.10 -8.95
C THR A 229 -14.01 -10.63 -10.17
N TRP A 230 -15.25 -11.14 -9.97
CA TRP A 230 -16.06 -11.61 -11.09
C TRP A 230 -16.53 -10.40 -11.87
N LEU A 231 -17.06 -9.38 -11.17
CA LEU A 231 -17.56 -8.14 -11.77
C LEU A 231 -16.44 -7.46 -12.51
N ALA A 232 -15.24 -7.39 -11.89
CA ALA A 232 -14.02 -6.78 -12.44
C ALA A 232 -13.62 -7.45 -13.77
N GLN A 233 -13.88 -8.76 -13.90
CA GLN A 233 -13.59 -9.51 -15.12
C GLN A 233 -14.59 -9.14 -16.22
N ARG A 234 -15.90 -9.15 -15.90
CA ARG A 234 -16.98 -8.83 -16.82
C ARG A 234 -16.98 -7.36 -17.26
N ILE A 235 -16.92 -6.41 -16.30
CA ILE A 235 -17.01 -4.97 -16.58
C ILE A 235 -15.68 -4.35 -17.11
N CYS A 236 -14.55 -4.51 -16.38
CA CYS A 236 -13.27 -3.89 -16.77
C CYS A 236 -12.62 -4.58 -17.98
N GLY A 237 -12.59 -5.90 -17.94
CA GLY A 237 -12.01 -6.69 -19.03
C GLY A 237 -11.31 -7.93 -18.54
N PRO A 238 -10.76 -8.75 -19.47
CA PRO A 238 -10.03 -9.96 -19.04
C PRO A 238 -8.74 -9.58 -18.35
N LEU A 239 -8.34 -10.39 -17.37
CA LEU A 239 -7.12 -10.21 -16.61
C LEU A 239 -5.94 -10.51 -17.58
N THR A 240 -6.08 -11.62 -18.37
CA THR A 240 -5.13 -12.13 -19.38
C THR A 240 -5.34 -11.51 -20.79
N PRO A 241 -4.26 -11.22 -21.55
CA PRO A 241 -4.43 -10.66 -22.91
C PRO A 241 -4.47 -11.74 -23.99
N MET B 3 17.67 19.76 13.59
CA MET B 3 17.72 19.07 12.30
C MET B 3 16.34 18.77 11.71
N ARG B 4 15.42 18.20 12.53
CA ARG B 4 14.06 17.84 12.14
C ARG B 4 13.40 19.01 11.36
N SER B 5 13.62 20.27 11.82
CA SER B 5 13.10 21.51 11.26
C SER B 5 13.67 21.76 9.89
N ILE B 6 15.01 21.72 9.74
CA ILE B 6 15.74 21.91 8.48
C ILE B 6 15.15 21.02 7.36
N ALA B 7 14.94 19.71 7.66
CA ALA B 7 14.36 18.72 6.75
C ALA B 7 12.91 19.07 6.37
N ARG B 8 12.07 19.55 7.33
CA ARG B 8 10.68 19.93 7.06
C ARG B 8 10.62 21.22 6.24
N ARG B 9 11.31 22.28 6.70
CA ARG B 9 11.43 23.62 6.07
C ARG B 9 11.82 23.50 4.61
N THR B 10 12.96 22.85 4.35
CA THR B 10 13.45 22.67 3.00
C THR B 10 12.49 21.75 2.19
N ALA B 11 11.89 20.72 2.84
CA ALA B 11 10.93 19.83 2.17
C ALA B 11 9.69 20.58 1.69
N VAL B 12 9.25 21.64 2.44
CA VAL B 12 8.12 22.49 2.05
C VAL B 12 8.46 23.27 0.77
N GLY B 13 9.68 23.81 0.71
CA GLY B 13 10.19 24.55 -0.45
C GLY B 13 10.43 23.66 -1.65
N ALA B 14 10.84 22.41 -1.38
CA ALA B 14 11.07 21.39 -2.39
C ALA B 14 9.72 21.07 -3.04
N ALA B 15 8.65 20.96 -2.21
CA ALA B 15 7.27 20.69 -2.64
C ALA B 15 6.81 21.76 -3.61
N LEU B 16 7.05 23.05 -3.27
CA LEU B 16 6.70 24.23 -4.07
C LEU B 16 7.43 24.29 -5.42
N LEU B 17 8.67 23.81 -5.49
CA LEU B 17 9.40 23.81 -6.75
C LEU B 17 8.94 22.64 -7.62
N LEU B 18 8.75 21.45 -6.99
CA LEU B 18 8.30 20.19 -7.60
C LEU B 18 7.01 20.30 -8.41
N VAL B 19 6.13 21.27 -8.08
CA VAL B 19 4.83 21.58 -8.72
C VAL B 19 4.95 21.70 -10.23
N MET B 20 5.85 22.60 -10.70
CA MET B 20 6.08 22.90 -12.11
C MET B 20 6.38 21.66 -12.95
N PRO B 21 7.45 20.86 -12.67
CA PRO B 21 7.71 19.68 -13.50
C PRO B 21 6.67 18.57 -13.35
N VAL B 22 6.09 18.42 -12.15
CA VAL B 22 5.06 17.42 -11.91
C VAL B 22 3.84 17.68 -12.80
N ALA B 23 3.43 18.95 -12.93
CA ALA B 23 2.30 19.34 -13.77
C ALA B 23 2.66 19.12 -15.23
N VAL B 24 3.91 19.51 -15.65
CA VAL B 24 4.44 19.35 -17.02
C VAL B 24 4.51 17.86 -17.40
N TRP B 25 4.75 17.00 -16.41
CA TRP B 25 4.80 15.55 -16.54
C TRP B 25 3.40 14.99 -16.79
N ILE B 26 2.43 15.38 -15.93
CA ILE B 26 1.03 14.94 -15.99
C ILE B 26 0.36 15.39 -17.30
N SER B 27 0.78 16.57 -17.83
CA SER B 27 0.27 17.07 -19.09
C SER B 27 0.78 16.24 -20.26
N GLY B 28 1.95 15.62 -20.08
CA GLY B 28 2.61 14.82 -21.10
C GLY B 28 3.14 15.71 -22.19
N TRP B 29 3.54 16.93 -21.80
CA TRP B 29 4.04 17.97 -22.68
C TRP B 29 5.31 17.53 -23.33
N ARG B 30 5.34 17.63 -24.68
CA ARG B 30 6.47 17.30 -25.55
C ARG B 30 6.93 18.55 -26.30
N TRP B 31 8.19 18.96 -26.05
CA TRP B 31 8.84 20.12 -26.64
C TRP B 31 8.82 20.08 -28.17
N GLN B 32 8.55 21.23 -28.79
CA GLN B 32 8.56 21.38 -30.25
C GLN B 32 9.48 22.55 -30.66
N PRO B 33 10.11 22.55 -31.86
CA PRO B 33 11.04 23.64 -32.19
C PRO B 33 10.40 24.92 -32.73
N GLY B 34 11.18 26.01 -32.73
CA GLY B 34 10.81 27.35 -33.21
C GLY B 34 9.63 27.96 -32.49
N GLU B 35 9.51 27.68 -31.16
CA GLU B 35 8.46 28.11 -30.25
C GLU B 35 8.29 29.64 -30.12
N GLN B 36 7.47 30.09 -29.14
CA GLN B 36 7.17 31.50 -28.90
C GLN B 36 8.43 32.34 -28.65
N SER B 37 8.89 33.03 -29.73
CA SER B 37 10.09 33.87 -29.85
C SER B 37 10.33 34.79 -28.66
N TRP B 38 9.28 35.48 -28.20
CA TRP B 38 9.34 36.41 -27.06
C TRP B 38 9.52 35.67 -25.73
N LEU B 39 8.91 34.49 -25.61
CA LEU B 39 8.94 33.66 -24.41
C LEU B 39 10.25 32.87 -24.35
N LEU B 40 10.84 32.57 -25.51
CA LEU B 40 12.12 31.85 -25.61
C LEU B 40 13.29 32.73 -25.19
N LYS B 41 13.29 34.03 -25.63
CA LYS B 41 14.31 35.03 -25.26
C LYS B 41 14.22 35.28 -23.76
N ALA B 42 12.98 35.32 -23.23
CA ALA B 42 12.64 35.48 -21.82
C ALA B 42 13.20 34.28 -21.04
N ALA B 43 12.91 33.05 -21.51
CA ALA B 43 13.38 31.78 -20.93
C ALA B 43 14.91 31.75 -20.91
N PHE B 44 15.55 32.18 -22.01
CA PHE B 44 17.00 32.23 -22.15
C PHE B 44 17.62 33.20 -21.17
N TRP B 45 17.00 34.37 -20.98
CA TRP B 45 17.50 35.39 -20.06
C TRP B 45 17.59 34.81 -18.64
N VAL B 46 16.55 34.07 -18.21
CA VAL B 46 16.48 33.40 -16.91
C VAL B 46 17.50 32.25 -16.90
N THR B 47 17.71 31.61 -18.07
CA THR B 47 18.65 30.48 -18.22
C THR B 47 20.10 30.98 -18.15
N GLU B 48 20.37 32.24 -18.53
CA GLU B 48 21.73 32.80 -18.54
C GLU B 48 22.15 33.42 -17.19
N THR B 49 21.37 33.16 -16.13
CA THR B 49 21.62 33.58 -14.76
C THR B 49 22.33 32.43 -14.05
N VAL B 50 22.07 31.19 -14.51
CA VAL B 50 22.58 29.92 -13.99
C VAL B 50 23.72 29.33 -14.83
N THR B 51 23.72 29.55 -16.18
CA THR B 51 24.78 29.05 -17.05
C THR B 51 26.04 29.88 -16.90
N GLN B 52 27.18 29.19 -16.73
CA GLN B 52 28.50 29.79 -16.54
C GLN B 52 28.91 30.73 -17.70
N PRO B 53 29.62 31.85 -17.45
CA PRO B 53 30.22 32.33 -16.18
C PRO B 53 29.27 32.92 -15.13
N TRP B 54 28.05 33.27 -15.55
CA TRP B 54 27.03 33.88 -14.70
C TRP B 54 26.55 32.98 -13.54
N GLY B 55 26.88 31.68 -13.60
CA GLY B 55 26.58 30.72 -12.55
C GLY B 55 27.38 31.03 -11.30
N VAL B 56 28.70 31.34 -11.48
CA VAL B 56 29.61 31.72 -10.37
C VAL B 56 29.15 33.06 -9.78
N ILE B 57 28.94 34.09 -10.63
CA ILE B 57 28.46 35.43 -10.28
C ILE B 57 27.23 35.35 -9.37
N THR B 58 26.20 34.57 -9.79
CA THR B 58 24.95 34.34 -9.05
C THR B 58 25.23 33.69 -7.70
N HIS B 59 25.99 32.56 -7.67
CA HIS B 59 26.39 31.84 -6.44
C HIS B 59 27.02 32.83 -5.46
N LEU B 60 27.91 33.71 -5.97
CA LEU B 60 28.60 34.70 -5.17
C LEU B 60 27.65 35.79 -4.68
N ILE B 61 26.90 36.44 -5.59
CA ILE B 61 25.92 37.48 -5.26
C ILE B 61 24.95 36.92 -4.20
N LEU B 62 24.43 35.70 -4.42
CA LEU B 62 23.53 35.01 -3.51
C LEU B 62 24.18 34.78 -2.17
N PHE B 63 25.41 34.20 -2.12
CA PHE B 63 26.14 33.98 -0.87
C PHE B 63 26.32 35.31 -0.11
N GLY B 64 26.63 36.37 -0.86
CA GLY B 64 26.80 37.72 -0.34
C GLY B 64 25.55 38.24 0.35
N TRP B 65 24.39 37.99 -0.26
CA TRP B 65 23.09 38.36 0.28
C TRP B 65 22.70 37.46 1.46
N PHE B 66 23.03 36.15 1.36
CA PHE B 66 22.79 35.13 2.38
C PHE B 66 23.53 35.47 3.67
N LEU B 67 24.86 35.64 3.59
CA LEU B 67 25.71 36.03 4.72
C LEU B 67 25.24 37.34 5.33
N TRP B 68 24.82 38.29 4.47
CA TRP B 68 24.31 39.59 4.89
C TRP B 68 23.06 39.42 5.74
N CYS B 69 22.18 38.46 5.40
CA CYS B 69 20.96 38.21 6.17
C CYS B 69 21.27 37.53 7.48
N LEU B 70 21.98 36.37 7.41
CA LEU B 70 22.38 35.52 8.53
C LEU B 70 23.17 36.24 9.61
N ARG B 71 23.98 37.24 9.17
CA ARG B 71 24.79 38.16 9.98
C ARG B 71 25.82 37.43 10.85
N PHE B 72 26.71 36.67 10.21
CA PHE B 72 27.77 35.87 10.86
C PHE B 72 29.09 36.66 11.01
N ARG B 73 29.98 36.20 11.93
CA ARG B 73 31.33 36.74 12.20
C ARG B 73 32.27 36.46 11.00
N ILE B 74 33.49 37.04 10.96
CA ILE B 74 34.43 36.80 9.85
C ILE B 74 34.81 35.30 9.75
N LYS B 75 35.16 34.69 10.90
CA LYS B 75 35.52 33.28 11.01
C LYS B 75 34.36 32.37 10.51
N ALA B 76 33.12 32.62 10.96
CA ALA B 76 31.92 31.89 10.56
C ALA B 76 31.49 32.16 9.11
N ALA B 77 31.74 33.38 8.58
CA ALA B 77 31.42 33.76 7.19
C ALA B 77 32.17 32.86 6.21
N PHE B 78 33.47 32.65 6.50
CA PHE B 78 34.40 31.81 5.75
C PHE B 78 33.82 30.40 5.64
N VAL B 79 33.40 29.84 6.79
CA VAL B 79 32.80 28.52 6.92
C VAL B 79 31.47 28.48 6.14
N LEU B 80 30.63 29.53 6.26
CA LEU B 80 29.36 29.60 5.51
C LEU B 80 29.65 29.57 4.03
N PHE B 81 30.69 30.30 3.57
CA PHE B 81 31.02 30.23 2.16
C PHE B 81 31.39 28.83 1.69
N ALA B 82 32.43 28.23 2.30
CA ALA B 82 32.92 26.88 2.02
C ALA B 82 31.78 25.87 2.00
N ILE B 83 30.81 25.98 2.95
CA ILE B 83 29.63 25.10 3.03
C ILE B 83 28.79 25.23 1.74
N LEU B 84 28.45 26.48 1.35
CA LEU B 84 27.66 26.77 0.17
C LEU B 84 28.35 26.40 -1.11
N ALA B 85 29.68 26.64 -1.19
CA ALA B 85 30.46 26.26 -2.36
C ALA B 85 30.42 24.74 -2.47
N ALA B 86 30.83 24.02 -1.40
CA ALA B 86 30.79 22.56 -1.31
C ALA B 86 29.41 22.00 -1.70
N ALA B 87 28.33 22.67 -1.23
CA ALA B 87 26.94 22.32 -1.48
C ALA B 87 26.60 22.31 -2.95
N ILE B 88 26.82 23.46 -3.64
CA ILE B 88 26.53 23.63 -5.07
C ILE B 88 27.49 22.77 -5.94
N LEU B 89 28.75 22.58 -5.48
CA LEU B 89 29.74 21.74 -6.17
C LEU B 89 29.35 20.24 -6.13
N VAL B 90 28.97 19.71 -4.95
CA VAL B 90 28.49 18.34 -4.78
C VAL B 90 27.26 18.12 -5.64
N GLY B 91 26.34 19.09 -5.60
CA GLY B 91 25.12 19.11 -6.38
C GLY B 91 25.37 18.77 -7.84
N GLN B 92 26.35 19.50 -8.47
CA GLN B 92 26.78 19.31 -9.87
C GLN B 92 27.59 18.02 -10.09
N GLY B 93 28.45 17.70 -9.13
CA GLY B 93 29.25 16.48 -9.13
C GLY B 93 28.35 15.25 -9.19
N VAL B 94 27.23 15.28 -8.42
CA VAL B 94 26.18 14.26 -8.39
C VAL B 94 25.50 14.17 -9.78
N LYS B 95 25.06 15.32 -10.36
CA LYS B 95 24.45 15.40 -11.70
C LYS B 95 25.34 14.76 -12.79
N SER B 96 26.64 15.07 -12.82
CA SER B 96 27.56 14.53 -13.83
C SER B 96 27.77 13.03 -13.70
N TRP B 97 27.88 12.50 -12.47
CA TRP B 97 28.12 11.07 -12.24
C TRP B 97 26.81 10.28 -12.15
N ILE B 98 25.74 10.85 -12.72
CA ILE B 98 24.40 10.27 -12.89
C ILE B 98 24.09 10.33 -14.38
N LYS B 99 24.23 11.54 -15.00
CA LYS B 99 24.03 11.78 -16.43
C LYS B 99 24.68 10.69 -17.29
N ASP B 100 26.01 10.51 -17.13
CA ASP B 100 26.88 9.54 -17.82
C ASP B 100 26.51 8.09 -17.57
N LYS B 101 25.82 7.84 -16.46
CA LYS B 101 25.41 6.51 -16.04
C LYS B 101 23.98 6.14 -16.49
N VAL B 102 23.06 7.13 -16.58
CA VAL B 102 21.66 6.93 -17.01
C VAL B 102 21.53 7.08 -18.55
N GLN B 103 22.43 7.88 -19.16
CA GLN B 103 22.58 8.12 -20.60
C GLN B 103 21.27 8.55 -21.30
N GLU B 104 20.56 9.51 -20.70
CA GLU B 104 19.31 10.06 -21.24
C GLU B 104 19.59 11.14 -22.32
N PRO B 105 18.95 11.09 -23.51
CA PRO B 105 19.19 12.14 -24.50
C PRO B 105 18.38 13.41 -24.20
N ARG B 106 18.83 14.55 -24.72
CA ARG B 106 18.17 15.84 -24.54
C ARG B 106 17.01 15.99 -25.49
N PRO B 107 16.05 16.87 -25.17
CA PRO B 107 14.90 17.07 -26.07
C PRO B 107 15.23 17.67 -27.46
N PHE B 108 16.29 18.53 -27.58
CA PHE B 108 16.70 19.11 -28.88
C PHE B 108 17.48 18.11 -29.72
N VAL B 109 18.32 17.27 -29.06
CA VAL B 109 19.13 16.23 -29.68
C VAL B 109 18.23 15.21 -30.38
N ILE B 110 17.21 14.69 -29.65
CA ILE B 110 16.23 13.72 -30.19
C ILE B 110 15.58 14.26 -31.47
N TRP B 111 15.23 15.56 -31.49
CA TRP B 111 14.65 16.23 -32.65
C TRP B 111 15.68 16.41 -33.76
N LEU B 112 16.84 17.03 -33.47
CA LEU B 112 17.91 17.33 -34.44
C LEU B 112 18.46 16.09 -35.14
N GLU B 113 18.69 15.01 -34.37
CA GLU B 113 19.20 13.75 -34.91
C GLU B 113 18.12 12.94 -35.58
N LYS B 114 16.84 13.06 -35.13
CA LYS B 114 15.74 12.38 -35.80
C LYS B 114 15.46 13.07 -37.14
N THR B 115 15.58 14.43 -37.19
CA THR B 115 15.38 15.22 -38.41
C THR B 115 16.49 15.02 -39.43
N HIS B 116 17.73 14.82 -38.95
CA HIS B 116 18.88 14.55 -39.82
C HIS B 116 19.07 13.04 -40.04
N HIS B 117 18.08 12.24 -39.56
CA HIS B 117 17.97 10.77 -39.62
C HIS B 117 19.31 10.06 -39.26
N ILE B 118 19.94 10.57 -38.17
CA ILE B 118 21.19 10.12 -37.52
C ILE B 118 20.76 9.47 -36.18
N PRO B 119 21.18 8.22 -35.87
CA PRO B 119 20.76 7.61 -34.59
C PRO B 119 21.27 8.40 -33.40
N VAL B 120 20.40 8.61 -32.40
CA VAL B 120 20.72 9.37 -31.18
C VAL B 120 21.79 8.65 -30.34
N ASP B 121 21.78 7.29 -30.36
CA ASP B 121 22.77 6.45 -29.69
C ASP B 121 24.16 6.58 -30.35
N GLU B 122 24.21 6.62 -31.71
CA GLU B 122 25.45 6.83 -32.49
C GLU B 122 25.93 8.28 -32.39
N PHE B 123 25.00 9.24 -32.17
CA PHE B 123 25.37 10.65 -31.98
C PHE B 123 26.18 10.77 -30.70
N TYR B 124 25.72 10.08 -29.61
CA TYR B 124 26.38 10.11 -28.30
C TYR B 124 27.62 9.22 -28.19
N THR B 125 27.97 8.49 -29.26
CA THR B 125 29.17 7.66 -29.36
C THR B 125 30.37 8.60 -29.60
N LEU B 126 30.11 9.74 -30.27
CA LEU B 126 31.07 10.80 -30.65
C LEU B 126 31.62 11.58 -29.46
N LYS B 127 32.78 12.25 -29.69
CA LYS B 127 33.48 13.13 -28.74
C LYS B 127 32.58 14.35 -28.52
N ARG B 128 32.41 14.82 -27.24
CA ARG B 128 31.58 15.98 -26.89
C ARG B 128 31.99 17.23 -27.71
N ALA B 129 33.27 17.24 -28.16
CA ALA B 129 33.86 18.28 -29.00
C ALA B 129 33.32 18.19 -30.41
N GLU B 130 33.29 16.96 -30.98
CA GLU B 130 32.80 16.75 -32.35
C GLU B 130 31.26 16.69 -32.39
N ARG B 131 30.59 16.49 -31.24
CA ARG B 131 29.12 16.51 -31.17
C ARG B 131 28.68 17.97 -31.34
N GLY B 132 29.44 18.88 -30.71
CA GLY B 132 29.26 20.33 -30.79
C GLY B 132 29.57 20.85 -32.19
N ASN B 133 30.54 20.20 -32.88
CA ASN B 133 30.94 20.51 -34.26
C ASN B 133 29.80 20.10 -35.21
N LEU B 134 29.12 18.97 -34.88
CA LEU B 134 28.03 18.39 -35.66
C LEU B 134 26.76 19.21 -35.49
N VAL B 135 26.43 19.59 -34.24
CA VAL B 135 25.25 20.39 -33.85
C VAL B 135 25.31 21.82 -34.45
N LYS B 136 26.52 22.41 -34.56
CA LYS B 136 26.75 23.74 -35.16
C LYS B 136 26.43 23.68 -36.66
N GLU B 137 26.88 22.59 -37.31
CA GLU B 137 26.72 22.34 -38.72
C GLU B 137 25.31 21.88 -39.13
N GLN B 138 24.65 21.05 -38.31
CA GLN B 138 23.30 20.58 -38.61
C GLN B 138 22.27 21.69 -38.42
N LEU B 139 22.42 22.50 -37.35
CA LEU B 139 21.52 23.60 -37.01
C LEU B 139 21.61 24.74 -38.00
N ALA B 140 22.80 24.96 -38.60
CA ALA B 140 23.04 26.02 -39.58
C ALA B 140 22.13 25.83 -40.81
N GLU B 141 21.66 24.58 -41.03
CA GLU B 141 20.76 24.18 -42.12
C GLU B 141 19.27 24.50 -41.79
N GLU B 142 18.90 24.50 -40.47
CA GLU B 142 17.55 24.78 -39.95
C GLU B 142 17.09 26.23 -40.19
N LYS B 143 17.87 27.22 -39.67
CA LYS B 143 17.69 28.69 -39.77
C LYS B 143 16.41 29.18 -39.08
N ASN B 144 15.48 28.24 -38.78
CA ASN B 144 14.23 28.44 -38.09
C ASN B 144 14.49 28.67 -36.60
N ILE B 145 15.61 28.13 -36.09
CA ILE B 145 16.07 28.23 -34.70
C ILE B 145 16.92 29.50 -34.48
N PRO B 146 16.66 30.31 -33.43
CA PRO B 146 17.44 31.55 -33.24
C PRO B 146 18.90 31.33 -32.87
N GLN B 147 19.78 32.26 -33.29
CA GLN B 147 21.23 32.20 -33.09
C GLN B 147 21.66 32.14 -31.60
N TYR B 148 20.89 32.73 -30.68
CA TYR B 148 21.25 32.66 -29.25
C TYR B 148 21.11 31.25 -28.69
N LEU B 149 20.05 30.54 -29.11
CA LEU B 149 19.71 29.19 -28.72
C LEU B 149 20.58 28.19 -29.50
N ARG B 150 20.78 28.43 -30.82
CA ARG B 150 21.60 27.63 -31.74
C ARG B 150 23.03 27.46 -31.21
N SER B 151 23.63 28.56 -30.69
CA SER B 151 24.99 28.62 -30.11
C SER B 151 25.03 27.97 -28.72
N HIS B 152 23.92 28.06 -27.97
CA HIS B 152 23.77 27.49 -26.65
C HIS B 152 23.67 25.97 -26.75
N TRP B 153 23.05 25.48 -27.83
CA TRP B 153 22.88 24.06 -28.07
C TRP B 153 24.22 23.37 -28.35
N GLN B 154 25.06 23.93 -29.27
CA GLN B 154 26.42 23.42 -29.63
C GLN B 154 27.27 23.31 -28.36
N LYS B 155 27.18 24.37 -27.53
CA LYS B 155 27.86 24.58 -26.26
C LYS B 155 27.49 23.52 -25.22
N GLU B 156 26.19 23.27 -25.01
CA GLU B 156 25.74 22.36 -23.95
C GLU B 156 25.82 20.88 -24.29
N THR B 157 25.26 20.39 -25.43
CA THR B 157 25.25 18.96 -25.86
C THR B 157 25.04 17.97 -24.65
N GLY B 158 25.60 16.76 -24.73
CA GLY B 158 25.53 15.76 -23.66
C GLY B 158 24.17 15.20 -23.23
N PHE B 159 24.15 14.49 -22.08
CA PHE B 159 22.96 13.84 -21.52
C PHE B 159 22.03 14.80 -20.77
N ALA B 160 20.77 14.38 -20.55
CA ALA B 160 19.75 15.21 -19.92
C ALA B 160 19.43 14.89 -18.46
N PHE B 161 19.36 13.59 -18.06
CA PHE B 161 19.00 13.19 -16.68
C PHE B 161 20.19 13.08 -15.71
N PRO B 162 20.24 13.78 -14.53
CA PRO B 162 19.32 14.79 -13.99
C PRO B 162 19.69 16.22 -14.41
N SER B 163 18.87 17.20 -14.02
CA SER B 163 19.05 18.59 -14.43
C SER B 163 20.09 19.40 -13.59
N GLY B 164 21.29 19.59 -14.15
CA GLY B 164 22.41 20.34 -13.55
C GLY B 164 22.16 21.83 -13.29
N HIS B 165 21.33 22.45 -14.13
CA HIS B 165 20.90 23.84 -14.02
C HIS B 165 19.85 23.92 -12.91
N THR B 166 18.85 23.01 -12.94
CA THR B 166 17.76 22.95 -11.97
C THR B 166 18.17 22.24 -10.66
N MET B 167 19.50 22.26 -10.39
CA MET B 167 20.14 21.76 -9.19
C MET B 167 20.84 22.93 -8.56
N PHE B 168 21.43 23.82 -9.37
CA PHE B 168 22.03 25.07 -8.92
C PHE B 168 20.88 25.91 -8.33
N ALA B 169 19.89 26.26 -9.19
CA ALA B 169 18.72 27.08 -8.86
C ALA B 169 17.85 26.53 -7.75
N ALA B 170 17.51 25.21 -7.80
CA ALA B 170 16.68 24.58 -6.75
C ALA B 170 17.42 24.63 -5.42
N SER B 171 18.74 24.29 -5.42
CA SER B 171 19.57 24.33 -4.22
C SER B 171 19.57 25.69 -3.57
N TRP B 172 19.66 26.79 -4.35
CA TRP B 172 19.66 28.16 -3.81
C TRP B 172 18.32 28.60 -3.24
N ALA B 173 17.19 28.17 -3.87
CA ALA B 173 15.86 28.46 -3.33
C ALA B 173 15.65 27.65 -2.03
N LEU B 174 16.20 26.41 -2.02
CA LEU B 174 16.13 25.52 -0.86
C LEU B 174 17.06 25.98 0.28
N LEU B 175 18.22 26.56 -0.07
CA LEU B 175 19.15 27.13 0.91
C LEU B 175 18.49 28.34 1.56
N ALA B 176 17.63 29.08 0.80
CA ALA B 176 16.89 30.23 1.29
C ALA B 176 15.91 29.78 2.37
N VAL B 177 15.20 28.63 2.15
CA VAL B 177 14.29 28.12 3.19
C VAL B 177 15.09 27.50 4.35
N GLY B 178 16.25 26.93 4.04
CA GLY B 178 17.11 26.30 5.02
C GLY B 178 17.94 27.25 5.86
N LEU B 179 18.06 28.53 5.46
CA LEU B 179 18.90 29.46 6.22
C LEU B 179 18.25 30.81 6.53
N LEU B 180 17.35 31.27 5.66
CA LEU B 180 16.75 32.59 5.82
C LEU B 180 15.29 32.56 6.29
N TRP B 181 14.71 31.36 6.46
CA TRP B 181 13.37 31.26 7.02
C TRP B 181 13.34 31.46 8.54
N PRO B 182 14.38 31.09 9.33
CA PRO B 182 14.31 31.34 10.79
C PRO B 182 14.34 32.84 11.11
N ARG B 183 15.02 33.62 10.22
CA ARG B 183 15.11 35.08 10.26
C ARG B 183 13.83 35.66 9.62
N ARG B 184 13.03 34.77 9.01
CA ARG B 184 11.76 34.99 8.33
C ARG B 184 11.89 35.99 7.16
N ARG B 185 12.95 35.83 6.33
CA ARG B 185 13.10 36.71 5.16
C ARG B 185 12.34 36.11 3.95
N THR B 186 11.01 36.35 3.95
CA THR B 186 10.00 35.92 2.98
C THR B 186 10.27 36.37 1.56
N LEU B 187 10.58 37.68 1.35
CA LEU B 187 10.84 38.25 0.03
C LEU B 187 11.89 37.43 -0.71
N THR B 188 13.05 37.18 -0.08
CA THR B 188 14.16 36.40 -0.62
C THR B 188 13.70 34.99 -0.97
N ILE B 189 13.10 34.26 0.01
CA ILE B 189 12.58 32.89 -0.18
C ILE B 189 11.64 32.82 -1.39
N ALA B 190 10.62 33.73 -1.45
CA ALA B 190 9.63 33.85 -2.53
C ALA B 190 10.29 34.14 -3.87
N ILE B 191 11.18 35.17 -3.90
CA ILE B 191 11.91 35.54 -5.12
C ILE B 191 12.71 34.35 -5.64
N LEU B 192 13.52 33.71 -4.76
CA LEU B 192 14.36 32.59 -5.15
C LEU B 192 13.57 31.40 -5.61
N LEU B 193 12.37 31.18 -5.06
CA LEU B 193 11.50 30.06 -5.48
C LEU B 193 11.02 30.32 -6.91
N VAL B 194 10.50 31.55 -7.18
CA VAL B 194 10.01 31.98 -8.49
C VAL B 194 11.15 31.99 -9.51
N TRP B 195 12.34 32.48 -9.13
CA TRP B 195 13.53 32.47 -9.99
C TRP B 195 13.89 31.03 -10.34
N ALA B 196 13.98 30.15 -9.34
CA ALA B 196 14.32 28.76 -9.58
C ALA B 196 13.30 28.17 -10.54
N THR B 197 12.00 28.31 -10.23
CA THR B 197 10.91 27.79 -11.06
C THR B 197 11.01 28.32 -12.48
N GLY B 198 11.43 29.58 -12.61
CA GLY B 198 11.67 30.22 -13.89
C GLY B 198 12.75 29.53 -14.70
N VAL B 199 13.89 29.19 -14.03
CA VAL B 199 15.03 28.48 -14.60
C VAL B 199 14.52 27.12 -15.11
N MET B 200 13.87 26.35 -14.22
CA MET B 200 13.23 25.05 -14.50
C MET B 200 12.24 25.16 -15.69
N GLY B 201 11.51 26.26 -15.70
CA GLY B 201 10.53 26.62 -16.72
C GLY B 201 11.23 26.70 -18.04
N SER B 202 12.34 27.48 -18.08
CA SER B 202 13.16 27.70 -19.28
C SER B 202 13.80 26.45 -19.86
N ARG B 203 14.22 25.49 -19.01
CA ARG B 203 14.89 24.27 -19.44
C ARG B 203 14.03 23.39 -20.28
N LEU B 204 12.76 23.17 -19.86
CA LEU B 204 11.78 22.38 -20.63
C LEU B 204 11.51 23.21 -21.87
N LEU B 205 11.13 24.50 -21.70
CA LEU B 205 10.85 25.53 -22.72
C LEU B 205 11.83 25.64 -23.95
N LEU B 206 13.14 25.38 -23.72
CA LEU B 206 14.22 25.47 -24.73
C LEU B 206 14.63 24.10 -25.32
N GLY B 207 14.02 23.03 -24.82
CA GLY B 207 14.29 21.66 -25.25
C GLY B 207 15.61 21.13 -24.73
N MET B 208 15.89 21.40 -23.44
CA MET B 208 17.15 21.03 -22.79
C MET B 208 17.03 19.88 -21.79
N ALA B 209 15.88 19.79 -21.11
CA ALA B 209 15.60 18.75 -20.10
C ALA B 209 14.13 18.24 -20.11
N TRP B 210 13.86 17.20 -19.28
CA TRP B 210 12.58 16.50 -19.11
C TRP B 210 12.09 16.76 -17.71
N PRO B 211 10.76 16.63 -17.40
CA PRO B 211 10.30 16.84 -16.01
C PRO B 211 10.90 15.81 -15.07
N ARG B 212 11.27 14.63 -15.64
CA ARG B 212 11.95 13.50 -15.01
C ARG B 212 13.28 13.98 -14.38
N ASP B 213 14.08 14.78 -15.14
CA ASP B 213 15.35 15.34 -14.70
C ASP B 213 15.07 16.27 -13.56
N LEU B 214 14.25 17.33 -13.83
CA LEU B 214 13.78 18.41 -12.92
C LEU B 214 13.26 17.94 -11.52
N VAL B 215 12.36 16.94 -11.53
CA VAL B 215 11.74 16.31 -10.37
C VAL B 215 12.82 15.64 -9.52
N VAL B 216 13.68 14.81 -10.13
CA VAL B 216 14.78 14.15 -9.45
C VAL B 216 15.85 15.18 -8.97
N ALA B 217 16.11 16.25 -9.78
CA ALA B 217 17.05 17.32 -9.48
C ALA B 217 16.62 18.12 -8.25
N THR B 218 15.30 18.34 -8.06
CA THR B 218 14.78 19.07 -6.89
C THR B 218 14.92 18.18 -5.69
N LEU B 219 14.83 16.87 -5.86
CA LEU B 219 14.93 15.90 -4.76
C LEU B 219 16.35 15.73 -4.24
N ILE B 220 17.34 15.75 -5.16
CA ILE B 220 18.76 15.65 -4.78
C ILE B 220 19.15 16.96 -4.08
N SER B 221 18.83 18.14 -4.72
CA SER B 221 19.05 19.51 -4.19
C SER B 221 18.50 19.65 -2.75
N TRP B 222 17.33 19.01 -2.48
CA TRP B 222 16.70 19.00 -1.17
C TRP B 222 17.57 18.23 -0.20
N ALA B 223 17.84 16.93 -0.48
CA ALA B 223 18.66 16.05 0.36
C ALA B 223 20.04 16.66 0.69
N LEU B 224 20.65 17.33 -0.31
CA LEU B 224 21.94 18.01 -0.17
C LEU B 224 21.82 19.26 0.70
N VAL B 225 20.80 20.14 0.43
CA VAL B 225 20.54 21.38 1.19
C VAL B 225 20.18 21.07 2.67
N ALA B 226 19.38 19.99 2.92
CA ALA B 226 18.96 19.55 4.26
C ALA B 226 20.15 19.15 5.14
N VAL B 227 21.31 18.91 4.51
CA VAL B 227 22.55 18.57 5.20
C VAL B 227 23.38 19.84 5.33
N ALA B 228 23.58 20.53 4.19
CA ALA B 228 24.35 21.77 4.05
C ALA B 228 23.87 22.82 5.04
N THR B 229 22.55 23.02 5.17
CA THR B 229 21.95 23.99 6.10
C THR B 229 22.04 23.48 7.53
N TRP B 230 22.09 22.15 7.73
CA TRP B 230 22.25 21.59 9.06
C TRP B 230 23.66 21.86 9.53
N LEU B 231 24.67 21.59 8.67
CA LEU B 231 26.08 21.82 8.97
C LEU B 231 26.32 23.27 9.27
N ALA B 232 25.73 24.17 8.44
CA ALA B 232 25.80 25.62 8.57
C ALA B 232 25.27 26.11 9.94
N GLN B 233 24.27 25.40 10.50
CA GLN B 233 23.70 25.71 11.80
C GLN B 233 24.67 25.29 12.92
N ARG B 234 25.18 24.04 12.85
CA ARG B 234 26.11 23.48 13.83
C ARG B 234 27.49 24.18 13.83
N ILE B 235 28.12 24.33 12.63
CA ILE B 235 29.47 24.89 12.48
C ILE B 235 29.51 26.44 12.57
N CYS B 236 28.75 27.16 11.72
CA CYS B 236 28.77 28.63 11.71
C CYS B 236 28.10 29.28 12.92
N GLY B 237 26.92 28.78 13.27
CA GLY B 237 26.17 29.29 14.40
C GLY B 237 24.67 29.29 14.16
N PRO B 238 23.87 29.73 15.17
CA PRO B 238 22.41 29.76 14.96
C PRO B 238 22.04 30.85 13.98
N LEU B 239 20.99 30.60 13.22
CA LEU B 239 20.45 31.53 12.23
C LEU B 239 19.84 32.72 13.00
N THR B 240 19.08 32.40 14.09
CA THR B 240 18.39 33.32 15.02
C THR B 240 19.29 33.80 16.20
N PRO B 241 19.20 35.09 16.63
CA PRO B 241 20.04 35.55 17.74
C PRO B 241 19.35 35.44 19.11
N MET C 3 -11.31 10.15 -23.78
CA MET C 3 -11.31 10.05 -22.32
C MET C 3 -9.94 10.20 -21.69
N ARG C 4 -8.92 9.51 -22.25
CA ARG C 4 -7.52 9.55 -21.79
C ARG C 4 -7.05 10.99 -21.55
N SER C 5 -7.47 11.91 -22.45
CA SER C 5 -7.17 13.35 -22.42
C SER C 5 -7.80 14.04 -21.23
N ILE C 6 -9.13 13.85 -21.05
CA ILE C 6 -9.93 14.40 -19.95
C ILE C 6 -9.27 14.10 -18.59
N ALA C 7 -8.85 12.83 -18.37
CA ALA C 7 -8.18 12.35 -17.18
C ALA C 7 -6.81 13.03 -16.99
N ARG C 8 -5.99 13.20 -18.07
CA ARG C 8 -4.69 13.89 -17.99
C ARG C 8 -4.87 15.38 -17.71
N ARG C 9 -5.68 16.10 -18.54
CA ARG C 9 -6.02 17.52 -18.45
C ARG C 9 -6.45 17.91 -17.05
N THR C 10 -7.49 17.23 -16.54
CA THR C 10 -8.02 17.51 -15.21
C THR C 10 -6.99 17.13 -14.14
N ALA C 11 -6.21 16.03 -14.36
CA ALA C 11 -5.16 15.61 -13.41
C ALA C 11 -4.07 16.66 -13.28
N VAL C 12 -3.77 17.42 -14.37
CA VAL C 12 -2.78 18.51 -14.34
C VAL C 12 -3.28 19.64 -13.43
N GLY C 13 -4.56 19.98 -13.56
CA GLY C 13 -5.22 21.00 -12.75
C GLY C 13 -5.37 20.59 -11.29
N ALA C 14 -5.59 19.29 -11.07
CA ALA C 14 -5.71 18.68 -9.74
C ALA C 14 -4.37 18.82 -9.06
N ALA C 15 -3.25 18.58 -9.82
CA ALA C 15 -1.88 18.69 -9.34
C ALA C 15 -1.60 20.09 -8.82
N LEU C 16 -2.02 21.12 -9.60
CA LEU C 16 -1.86 22.54 -9.30
C LEU C 16 -2.62 22.98 -8.05
N LEU C 17 -3.79 22.37 -7.79
CA LEU C 17 -4.57 22.71 -6.60
C LEU C 17 -3.97 22.03 -5.37
N LEU C 18 -3.61 20.72 -5.54
CA LEU C 18 -3.00 19.87 -4.51
C LEU C 18 -1.74 20.45 -3.81
N VAL C 19 -1.01 21.35 -4.50
CA VAL C 19 0.22 22.04 -4.06
C VAL C 19 0.06 22.68 -2.70
N MET C 20 -0.95 23.54 -2.58
CA MET C 20 -1.25 24.31 -1.37
C MET C 20 -1.40 23.43 -0.12
N PRO C 21 -2.33 22.43 -0.06
CA PRO C 21 -2.44 21.61 1.16
C PRO C 21 -1.25 20.68 1.40
N VAL C 22 -0.62 20.19 0.32
CA VAL C 22 0.55 19.32 0.43
C VAL C 22 1.72 20.05 1.10
N ALA C 23 1.93 21.33 0.75
CA ALA C 23 2.97 22.15 1.37
C ALA C 23 2.60 22.44 2.85
N VAL C 24 1.30 22.76 3.13
CA VAL C 24 0.74 23.01 4.47
C VAL C 24 0.88 21.75 5.38
N TRP C 25 0.83 20.57 4.75
CA TRP C 25 1.00 19.27 5.40
C TRP C 25 2.47 19.09 5.82
N ILE C 26 3.41 19.33 4.86
CA ILE C 26 4.86 19.18 5.03
C ILE C 26 5.38 20.16 6.07
N SER C 27 4.76 21.34 6.16
CA SER C 27 5.13 22.34 7.16
C SER C 27 4.70 21.90 8.57
N GLY C 28 3.64 21.09 8.62
CA GLY C 28 3.06 20.62 9.88
C GLY C 28 2.36 21.75 10.59
N TRP C 29 1.81 22.67 9.78
CA TRP C 29 1.11 23.87 10.21
C TRP C 29 -0.15 23.50 10.99
N ARG C 30 -0.26 24.08 12.18
CA ARG C 30 -1.39 23.92 13.10
C ARG C 30 -2.02 25.31 13.33
N TRP C 31 -3.31 25.44 12.96
CA TRP C 31 -4.10 26.67 13.07
C TRP C 31 -4.08 27.21 14.49
N GLN C 32 -3.95 28.54 14.62
CA GLN C 32 -3.99 29.23 15.90
C GLN C 32 -5.08 30.33 15.88
N PRO C 33 -5.70 30.69 17.02
CA PRO C 33 -6.77 31.68 16.99
C PRO C 33 -6.31 33.14 17.01
N GLY C 34 -7.24 34.04 16.67
CA GLY C 34 -7.05 35.49 16.62
C GLY C 34 -5.96 35.96 15.68
N GLU C 35 -5.79 35.23 14.54
CA GLU C 35 -4.81 35.44 13.46
C GLU C 35 -4.90 36.81 12.79
N GLN C 36 -4.17 36.99 11.68
CA GLN C 36 -4.10 38.26 10.94
C GLN C 36 -5.48 38.74 10.48
N SER C 37 -6.04 39.69 11.26
CA SER C 37 -7.36 40.33 11.13
C SER C 37 -7.74 40.72 9.70
N TRP C 38 -6.81 41.35 8.97
CA TRP C 38 -7.01 41.78 7.59
C TRP C 38 -7.08 40.59 6.63
N LEU C 39 -6.28 39.54 6.91
CA LEU C 39 -6.19 38.33 6.09
C LEU C 39 -7.36 37.40 6.38
N LEU C 40 -7.91 37.46 7.61
CA LEU C 40 -9.06 36.65 8.04
C LEU C 40 -10.36 37.16 7.40
N LYS C 41 -10.54 38.50 7.33
CA LYS C 41 -11.71 39.14 6.70
C LYS C 41 -11.65 38.84 5.19
N ALA C 42 -10.42 38.86 4.62
CA ALA C 42 -10.12 38.54 3.24
C ALA C 42 -10.49 37.09 2.96
N ALA C 43 -10.03 36.15 3.84
CA ALA C 43 -10.30 34.71 3.77
C ALA C 43 -11.81 34.46 3.84
N PHE C 44 -12.52 35.18 4.75
CA PHE C 44 -13.96 35.08 4.92
C PHE C 44 -14.73 35.52 3.68
N TRP C 45 -14.25 36.60 3.01
CA TRP C 45 -14.88 37.10 1.77
C TRP C 45 -14.84 36.03 0.66
N VAL C 46 -13.69 35.35 0.52
CA VAL C 46 -13.46 34.29 -0.47
C VAL C 46 -14.30 33.08 -0.08
N THR C 47 -14.51 32.89 1.24
CA THR C 47 -15.32 31.80 1.82
C THR C 47 -16.79 32.05 1.46
N GLU C 48 -17.22 33.33 1.48
CA GLU C 48 -18.58 33.74 1.12
C GLU C 48 -18.95 33.47 -0.35
N THR C 49 -17.95 33.15 -1.22
CA THR C 49 -18.15 32.84 -2.63
C THR C 49 -18.73 31.45 -2.81
N VAL C 50 -18.44 30.55 -1.85
CA VAL C 50 -18.88 29.16 -1.86
C VAL C 50 -20.01 28.91 -0.81
N THR C 51 -19.96 29.59 0.36
CA THR C 51 -20.97 29.48 1.42
C THR C 51 -22.33 29.88 0.86
N GLN C 52 -23.34 28.99 1.01
CA GLN C 52 -24.71 29.21 0.55
C GLN C 52 -25.36 30.43 1.23
N PRO C 53 -26.19 31.26 0.55
CA PRO C 53 -26.78 31.11 -0.81
C PRO C 53 -25.87 31.36 -2.00
N TRP C 54 -24.72 32.03 -1.77
CA TRP C 54 -23.75 32.38 -2.80
C TRP C 54 -23.12 31.16 -3.52
N GLY C 55 -23.32 29.96 -2.97
CA GLY C 55 -22.88 28.70 -3.56
C GLY C 55 -23.64 28.41 -4.82
N VAL C 56 -24.96 28.64 -4.80
CA VAL C 56 -25.84 28.43 -5.96
C VAL C 56 -25.55 29.50 -7.02
N ILE C 57 -25.51 30.79 -6.60
CA ILE C 57 -25.20 31.96 -7.44
C ILE C 57 -23.94 31.74 -8.27
N THR C 58 -22.84 31.31 -7.61
CA THR C 58 -21.54 31.01 -8.22
C THR C 58 -21.68 29.87 -9.24
N HIS C 59 -22.28 28.73 -8.84
CA HIS C 59 -22.52 27.57 -9.72
C HIS C 59 -23.22 28.03 -10.98
N LEU C 60 -24.25 28.89 -10.82
CA LEU C 60 -25.03 29.43 -11.94
C LEU C 60 -24.22 30.39 -12.80
N ILE C 61 -23.60 31.43 -12.19
CA ILE C 61 -22.74 32.39 -12.90
C ILE C 61 -21.67 31.64 -13.70
N LEU C 62 -21.01 30.66 -13.05
CA LEU C 62 -19.99 29.81 -13.65
C LEU C 62 -20.54 29.02 -14.82
N PHE C 63 -21.67 28.30 -14.62
CA PHE C 63 -22.31 27.53 -15.69
C PHE C 63 -22.64 28.44 -16.88
N GLY C 64 -23.12 29.66 -16.58
CA GLY C 64 -23.45 30.67 -17.56
C GLY C 64 -22.26 31.06 -18.43
N TRP C 65 -21.09 31.23 -17.79
CA TRP C 65 -19.84 31.55 -18.45
C TRP C 65 -19.29 30.33 -19.20
N PHE C 66 -19.43 29.13 -18.61
CA PHE C 66 -19.01 27.84 -19.18
C PHE C 66 -19.75 27.56 -20.48
N LEU C 67 -21.10 27.55 -20.44
CA LEU C 67 -21.95 27.35 -21.61
C LEU C 67 -21.64 28.40 -22.69
N TRP C 68 -21.38 29.64 -22.27
CA TRP C 68 -21.03 30.75 -23.16
C TRP C 68 -19.74 30.44 -23.91
N CYS C 69 -18.75 29.82 -23.24
CA CYS C 69 -17.48 29.47 -23.87
C CYS C 69 -17.65 28.30 -24.83
N LEU C 70 -18.17 27.17 -24.31
CA LEU C 70 -18.41 25.90 -25.02
C LEU C 70 -19.26 26.05 -26.28
N ARG C 71 -20.22 27.00 -26.22
CA ARG C 71 -21.14 27.40 -27.28
C ARG C 71 -22.01 26.25 -27.78
N PHE C 72 -22.82 25.66 -26.86
CA PHE C 72 -23.72 24.54 -27.14
C PHE C 72 -25.12 25.01 -27.54
N ARG C 73 -25.91 24.12 -28.21
CA ARG C 73 -27.31 24.33 -28.63
C ARG C 73 -28.22 24.37 -27.39
N ILE C 74 -29.51 24.77 -27.52
CA ILE C 74 -30.44 24.83 -26.38
C ILE C 74 -30.62 23.45 -25.72
N LYS C 75 -30.81 22.40 -26.54
CA LYS C 75 -30.98 21.01 -26.12
C LYS C 75 -29.75 20.52 -25.35
N ALA C 76 -28.53 20.77 -25.91
CA ALA C 76 -27.26 20.39 -25.29
C ALA C 76 -26.90 21.23 -24.05
N ALA C 77 -27.34 22.51 -23.98
CA ALA C 77 -27.14 23.44 -22.85
C ALA C 77 -27.80 22.87 -21.59
N PHE C 78 -29.04 22.38 -21.75
CA PHE C 78 -29.86 21.75 -20.72
C PHE C 78 -29.15 20.56 -20.11
N VAL C 79 -28.73 19.62 -20.97
CA VAL C 79 -28.01 18.40 -20.64
C VAL C 79 -26.71 18.77 -19.91
N LEU C 80 -26.03 19.82 -20.39
CA LEU C 80 -24.79 20.38 -19.84
C LEU C 80 -25.04 20.91 -18.43
N PHE C 81 -26.21 21.56 -18.22
CA PHE C 81 -26.61 22.06 -16.91
C PHE C 81 -27.00 20.92 -16.02
N ALA C 82 -27.58 19.87 -16.61
CA ALA C 82 -27.97 18.67 -15.89
C ALA C 82 -26.70 18.01 -15.36
N ILE C 83 -25.65 17.93 -16.23
CA ILE C 83 -24.32 17.35 -15.99
C ILE C 83 -23.55 18.17 -14.96
N LEU C 84 -23.45 19.51 -15.16
CA LEU C 84 -22.77 20.41 -14.21
C LEU C 84 -23.41 20.39 -12.81
N ALA C 85 -24.76 20.44 -12.76
CA ALA C 85 -25.53 20.38 -11.53
C ALA C 85 -25.28 19.02 -10.86
N ALA C 86 -25.54 17.90 -11.58
CA ALA C 86 -25.31 16.54 -11.10
C ALA C 86 -23.88 16.32 -10.61
N ALA C 87 -22.91 17.03 -11.22
CA ALA C 87 -21.50 16.95 -10.89
C ALA C 87 -21.23 17.52 -9.52
N ILE C 88 -21.62 18.80 -9.28
CA ILE C 88 -21.44 19.51 -8.01
C ILE C 88 -22.33 18.88 -6.88
N LEU C 89 -23.53 18.36 -7.25
CA LEU C 89 -24.43 17.69 -6.32
C LEU C 89 -23.81 16.37 -5.79
N VAL C 90 -23.31 15.50 -6.70
CA VAL C 90 -22.65 14.23 -6.37
C VAL C 90 -21.46 14.49 -5.44
N GLY C 91 -20.64 15.50 -5.80
CA GLY C 91 -19.48 15.96 -5.04
C GLY C 91 -19.80 16.23 -3.58
N GLN C 92 -20.90 16.93 -3.35
CA GLN C 92 -21.36 17.25 -2.00
C GLN C 92 -22.05 16.03 -1.32
N GLY C 93 -22.69 15.18 -2.13
CA GLY C 93 -23.34 13.96 -1.65
C GLY C 93 -22.36 12.89 -1.21
N VAL C 94 -21.16 12.89 -1.83
CA VAL C 94 -20.05 11.99 -1.51
C VAL C 94 -19.46 12.43 -0.16
N LYS C 95 -19.20 13.75 0.00
CA LYS C 95 -18.64 14.36 1.22
C LYS C 95 -19.50 14.02 2.47
N SER C 96 -20.84 13.93 2.34
CA SER C 96 -21.77 13.57 3.44
C SER C 96 -21.60 12.09 3.83
N TRP C 97 -21.68 11.15 2.86
CA TRP C 97 -21.51 9.73 3.17
C TRP C 97 -20.04 9.36 3.46
N ILE C 98 -19.21 10.39 3.78
CA ILE C 98 -17.80 10.31 4.17
C ILE C 98 -17.66 10.98 5.54
N LYS C 99 -18.08 12.26 5.68
CA LYS C 99 -18.04 13.03 6.95
C LYS C 99 -18.58 12.21 8.10
N ASP C 100 -19.84 11.69 7.95
CA ASP C 100 -20.58 10.88 8.93
C ASP C 100 -19.89 9.58 9.28
N LYS C 101 -19.02 9.09 8.38
CA LYS C 101 -18.29 7.85 8.54
C LYS C 101 -16.89 8.03 9.13
N VAL C 102 -16.21 9.17 8.83
CA VAL C 102 -14.85 9.49 9.32
C VAL C 102 -14.92 10.24 10.67
N GLN C 103 -16.02 10.99 10.90
CA GLN C 103 -16.35 11.73 12.12
C GLN C 103 -15.19 12.66 12.61
N GLU C 104 -14.60 13.42 11.66
CA GLU C 104 -13.47 14.35 11.81
C GLU C 104 -13.75 15.64 12.61
N PRO C 105 -13.00 15.97 13.69
CA PRO C 105 -13.26 17.24 14.38
C PRO C 105 -12.64 18.46 13.68
N ARG C 106 -13.39 19.60 13.62
CA ARG C 106 -12.96 20.86 12.98
C ARG C 106 -11.82 21.58 13.76
N PRO C 107 -10.85 22.26 13.07
CA PRO C 107 -9.76 22.93 13.81
C PRO C 107 -10.19 23.81 14.98
N PHE C 108 -11.23 24.61 14.78
CA PHE C 108 -11.72 25.51 15.82
C PHE C 108 -12.31 24.79 17.01
N VAL C 109 -13.01 23.65 16.74
CA VAL C 109 -13.64 22.79 17.76
C VAL C 109 -12.57 22.21 18.67
N ILE C 110 -11.51 21.62 18.07
CA ILE C 110 -10.37 21.06 18.80
C ILE C 110 -9.78 22.11 19.77
N TRP C 111 -9.63 23.36 19.32
CA TRP C 111 -9.13 24.45 20.17
C TRP C 111 -10.12 24.84 21.25
N LEU C 112 -11.39 25.16 20.85
CA LEU C 112 -12.46 25.63 21.75
C LEU C 112 -12.78 24.63 22.87
N GLU C 113 -12.86 23.33 22.53
CA GLU C 113 -13.14 22.28 23.50
C GLU C 113 -11.92 21.89 24.31
N LYS C 114 -10.70 22.01 23.73
CA LYS C 114 -9.48 21.76 24.50
C LYS C 114 -9.27 22.92 25.51
N THR C 115 -9.62 24.18 25.11
CA THR C 115 -9.49 25.37 25.97
C THR C 115 -10.52 25.38 27.08
N HIS C 116 -11.74 24.87 26.81
CA HIS C 116 -12.80 24.77 27.81
C HIS C 116 -12.74 23.41 28.54
N HIS C 117 -11.65 22.63 28.28
CA HIS C 117 -11.30 21.31 28.82
C HIS C 117 -12.52 20.33 28.82
N ILE C 118 -13.27 20.34 27.70
CA ILE C 118 -14.44 19.51 27.36
C ILE C 118 -13.98 18.52 26.28
N PRO C 119 -14.19 17.20 26.44
CA PRO C 119 -13.73 16.25 25.41
C PRO C 119 -14.38 16.52 24.05
N VAL C 120 -13.58 16.48 22.97
CA VAL C 120 -14.06 16.75 21.61
C VAL C 120 -15.04 15.65 21.16
N ASP C 121 -14.81 14.40 21.62
CA ASP C 121 -15.67 13.25 21.32
C ASP C 121 -17.04 13.40 22.00
N GLU C 122 -17.06 13.89 23.27
CA GLU C 122 -18.28 14.15 24.05
C GLU C 122 -19.00 15.41 23.54
N PHE C 123 -18.26 16.35 22.95
CA PHE C 123 -18.85 17.55 22.35
C PHE C 123 -19.70 17.11 21.15
N TYR C 124 -19.18 16.18 20.32
CA TYR C 124 -19.87 15.67 19.13
C TYR C 124 -20.97 14.63 19.43
N THR C 125 -21.15 14.28 20.71
CA THR C 125 -22.21 13.37 21.17
C THR C 125 -23.53 14.16 21.20
N LEU C 126 -23.42 15.49 21.42
CA LEU C 126 -24.53 16.45 21.52
C LEU C 126 -25.25 16.71 20.19
N LYS C 127 -26.49 17.26 20.29
CA LYS C 127 -27.33 17.65 19.15
C LYS C 127 -26.65 18.83 18.44
N ARG C 128 -26.58 18.82 17.07
CA ARG C 128 -25.97 19.90 16.26
C ARG C 128 -26.53 21.27 16.63
N ALA C 129 -27.78 21.29 17.15
CA ALA C 129 -28.50 22.45 17.62
C ALA C 129 -27.92 22.91 18.94
N GLU C 130 -27.70 21.96 19.87
CA GLU C 130 -27.15 22.15 21.21
C GLU C 130 -25.64 22.46 21.17
N ARG C 131 -24.93 22.01 20.11
CA ARG C 131 -23.50 22.23 19.90
C ARG C 131 -23.29 23.69 19.50
N GLY C 132 -24.19 24.20 18.65
CA GLY C 132 -24.23 25.60 18.22
C GLY C 132 -24.57 26.54 19.36
N ASN C 133 -25.40 26.06 20.31
CA ASN C 133 -25.81 26.77 21.53
C ASN C 133 -24.61 26.88 22.48
N LEU C 134 -23.78 25.80 22.52
CA LEU C 134 -22.59 25.69 23.35
C LEU C 134 -21.46 26.57 22.80
N VAL C 135 -21.22 26.51 21.48
CA VAL C 135 -20.19 27.27 20.76
C VAL C 135 -20.45 28.78 20.83
N LYS C 136 -21.73 29.22 20.82
CA LYS C 136 -22.15 30.62 20.94
C LYS C 136 -21.78 31.15 22.33
N GLU C 137 -22.03 30.31 23.34
CA GLU C 137 -21.79 30.60 24.74
C GLU C 137 -20.32 30.52 25.15
N GLN C 138 -19.56 29.55 24.63
CA GLN C 138 -18.14 29.39 24.96
C GLN C 138 -17.29 30.50 24.30
N LEU C 139 -17.62 30.85 23.04
CA LEU C 139 -16.91 31.88 22.26
C LEU C 139 -17.16 33.27 22.78
N ALA C 140 -18.36 33.52 23.36
CA ALA C 140 -18.74 34.82 23.93
C ALA C 140 -17.79 35.21 25.08
N GLU C 141 -17.12 34.21 25.70
CA GLU C 141 -16.14 34.35 26.78
C GLU C 141 -14.74 34.75 26.24
N GLU C 142 -14.40 34.32 24.99
CA GLU C 142 -13.11 34.58 24.30
C GLU C 142 -12.90 36.07 23.97
N LYS C 143 -13.85 36.68 23.20
CA LYS C 143 -13.90 38.10 22.77
C LYS C 143 -12.73 38.48 21.86
N ASN C 144 -11.68 37.64 21.84
CA ASN C 144 -10.48 37.77 21.02
C ASN C 144 -10.81 37.42 19.55
N ILE C 145 -11.85 36.58 19.36
CA ILE C 145 -12.34 36.10 18.06
C ILE C 145 -13.40 37.08 17.46
N PRO C 146 -13.27 37.47 16.17
CA PRO C 146 -14.23 38.43 15.59
C PRO C 146 -15.65 37.89 15.43
N GLN C 147 -16.64 38.78 15.56
CA GLN C 147 -18.07 38.46 15.49
C GLN C 147 -18.51 37.80 14.16
N TYR C 148 -17.85 38.11 13.01
CA TYR C 148 -18.22 37.48 11.73
C TYR C 148 -17.89 35.99 11.71
N LEU C 149 -16.74 35.65 12.29
CA LEU C 149 -16.19 34.30 12.41
C LEU C 149 -16.90 33.55 13.54
N ARG C 150 -17.09 34.22 14.71
CA ARG C 150 -17.77 33.72 15.92
C ARG C 150 -19.16 33.18 15.60
N SER C 151 -19.94 33.92 14.78
CA SER C 151 -21.30 33.58 14.33
C SER C 151 -21.28 32.49 13.26
N HIS C 152 -20.23 32.46 12.43
CA HIS C 152 -20.04 31.46 11.38
C HIS C 152 -19.70 30.12 12.00
N TRP C 153 -18.99 30.13 13.13
CA TRP C 153 -18.59 28.92 13.84
C TRP C 153 -19.80 28.22 14.47
N GLN C 154 -20.67 28.95 15.20
CA GLN C 154 -21.91 28.43 15.82
C GLN C 154 -22.79 27.77 14.76
N LYS C 155 -22.90 28.48 13.61
CA LYS C 155 -23.66 28.15 12.41
C LYS C 155 -23.19 26.84 11.78
N GLU C 156 -21.87 26.70 11.53
CA GLU C 156 -21.34 25.55 10.81
C GLU C 156 -21.18 24.27 11.66
N THR C 157 -20.48 24.30 12.84
CA THR C 157 -20.24 23.14 13.74
C THR C 157 -19.91 21.84 12.94
N GLY C 158 -20.29 20.67 13.46
CA GLY C 158 -20.10 19.39 12.79
C GLY C 158 -18.68 18.94 12.45
N PHE C 159 -18.56 17.94 11.55
CA PHE C 159 -17.29 17.33 11.17
C PHE C 159 -16.52 18.10 10.08
N ALA C 160 -15.26 17.70 9.79
CA ALA C 160 -14.44 18.43 8.84
C ALA C 160 -14.02 17.71 7.54
N PHE C 161 -13.84 16.37 7.58
CA PHE C 161 -13.32 15.56 6.46
C PHE C 161 -14.38 14.88 5.60
N PRO C 162 -14.36 15.05 4.21
CA PRO C 162 -13.53 15.97 3.41
C PRO C 162 -14.08 17.40 3.37
N SER C 163 -13.41 18.28 2.62
CA SER C 163 -13.77 19.70 2.55
C SER C 163 -14.92 19.98 1.62
N GLY C 164 -16.10 20.14 2.19
CA GLY C 164 -17.30 20.46 1.44
C GLY C 164 -17.24 21.76 0.67
N HIS C 165 -16.37 22.69 1.11
CA HIS C 165 -16.14 24.00 0.50
C HIS C 165 -15.17 23.93 -0.65
N THR C 166 -14.24 22.96 -0.60
CA THR C 166 -13.22 22.75 -1.63
C THR C 166 -13.69 21.68 -2.65
N MET C 167 -14.84 20.99 -2.37
CA MET C 167 -15.47 20.01 -3.26
C MET C 167 -16.28 20.74 -4.32
N PHE C 168 -16.63 22.02 -4.04
CA PHE C 168 -17.35 22.91 -4.94
C PHE C 168 -16.31 23.63 -5.82
N ALA C 169 -15.41 24.44 -5.16
CA ALA C 169 -14.36 25.23 -5.80
C ALA C 169 -13.37 24.44 -6.62
N ALA C 170 -12.85 23.29 -6.08
CA ALA C 170 -11.91 22.43 -6.83
C ALA C 170 -12.59 21.89 -8.07
N SER C 171 -13.85 21.38 -7.92
CA SER C 171 -14.63 20.85 -9.03
C SER C 171 -14.79 21.86 -10.17
N TRP C 172 -15.06 23.15 -9.85
CA TRP C 172 -15.22 24.19 -10.88
C TRP C 172 -13.92 24.57 -11.59
N ALA C 173 -12.77 24.58 -10.86
CA ALA C 173 -11.47 24.85 -11.47
C ALA C 173 -11.10 23.64 -12.37
N LEU C 174 -11.48 22.43 -11.91
CA LEU C 174 -11.23 21.19 -12.64
C LEU C 174 -12.16 21.05 -13.86
N LEU C 175 -13.41 21.55 -13.75
CA LEU C 175 -14.36 21.55 -14.87
C LEU C 175 -13.85 22.52 -15.93
N ALA C 176 -13.13 23.60 -15.50
CA ALA C 176 -12.54 24.57 -16.41
C ALA C 176 -11.45 23.91 -17.25
N VAL C 177 -10.61 23.03 -16.64
CA VAL C 177 -9.60 22.30 -17.42
C VAL C 177 -10.25 21.16 -18.23
N GLY C 178 -11.34 20.62 -17.72
CA GLY C 178 -12.05 19.54 -18.39
C GLY C 178 -12.97 19.96 -19.50
N LEU C 179 -13.29 21.27 -19.62
CA LEU C 179 -14.21 21.72 -20.66
C LEU C 179 -13.75 22.92 -21.45
N LEU C 180 -12.96 23.81 -20.84
CA LEU C 180 -12.53 25.05 -21.49
C LEU C 180 -11.06 25.06 -21.94
N TRP C 181 -10.32 23.97 -21.65
CA TRP C 181 -8.95 23.85 -22.14
C TRP C 181 -8.89 23.46 -23.62
N PRO C 182 -9.84 22.67 -24.21
CA PRO C 182 -9.75 22.37 -25.65
C PRO C 182 -9.96 23.62 -26.51
N ARG C 183 -10.78 24.57 -25.98
CA ARG C 183 -11.07 25.89 -26.57
C ARG C 183 -9.89 26.83 -26.21
N ARG C 184 -8.99 26.35 -25.31
CA ARG C 184 -7.79 26.99 -24.77
C ARG C 184 -8.10 28.32 -24.06
N ARG C 185 -9.17 28.36 -23.23
CA ARG C 185 -9.48 29.58 -22.49
C ARG C 185 -8.72 29.60 -21.16
N THR C 186 -7.43 30.00 -21.26
CA THR C 186 -6.42 30.12 -20.20
C THR C 186 -6.81 31.04 -19.06
N LEU C 187 -7.30 32.27 -19.38
CA LEU C 187 -7.70 33.26 -18.37
C LEU C 187 -8.67 32.64 -17.35
N THR C 188 -9.75 32.00 -17.85
CA THR C 188 -10.77 31.33 -17.02
C THR C 188 -10.15 30.24 -16.16
N ILE C 189 -9.40 29.29 -16.79
CA ILE C 189 -8.72 28.20 -16.11
C ILE C 189 -7.84 28.73 -14.96
N ALA C 190 -6.97 29.76 -15.26
CA ALA C 190 -6.07 30.41 -14.32
C ALA C 190 -6.82 31.10 -13.19
N ILE C 191 -7.84 31.90 -13.53
CA ILE C 191 -8.69 32.59 -12.54
C ILE C 191 -9.32 31.58 -11.58
N LEU C 192 -9.99 30.57 -12.13
CA LEU C 192 -10.67 29.54 -11.35
C LEU C 192 -9.73 28.73 -10.49
N LEU C 193 -8.47 28.50 -10.94
CA LEU C 193 -7.47 27.77 -10.15
C LEU C 193 -7.09 28.61 -8.92
N VAL C 194 -6.77 29.91 -9.15
CA VAL C 194 -6.40 30.87 -8.10
C VAL C 194 -7.56 31.04 -7.12
N TRP C 195 -8.81 31.18 -7.63
CA TRP C 195 -10.02 31.32 -6.82
C TRP C 195 -10.20 30.09 -5.96
N ALA C 196 -10.07 28.91 -6.59
CA ALA C 196 -10.23 27.61 -5.95
C ALA C 196 -9.22 27.42 -4.84
N THR C 197 -7.95 27.83 -5.10
CA THR C 197 -6.85 27.75 -4.13
C THR C 197 -7.12 28.70 -2.95
N GLY C 198 -7.69 29.87 -3.27
CA GLY C 198 -8.08 30.91 -2.32
C GLY C 198 -9.25 30.49 -1.44
N VAL C 199 -10.22 29.75 -2.04
CA VAL C 199 -11.38 29.18 -1.35
C VAL C 199 -10.86 28.05 -0.45
N MET C 200 -9.98 27.19 -1.02
CA MET C 200 -9.36 26.09 -0.28
C MET C 200 -8.65 26.62 0.97
N GLY C 201 -7.74 27.58 0.76
CA GLY C 201 -6.95 28.20 1.80
C GLY C 201 -7.73 28.83 2.91
N SER C 202 -8.86 29.49 2.58
CA SER C 202 -9.73 30.17 3.56
C SER C 202 -10.36 29.24 4.62
N ARG C 203 -10.49 27.96 4.29
CA ARG C 203 -11.02 26.93 5.17
C ARG C 203 -9.96 26.62 6.20
N LEU C 204 -8.67 26.67 5.80
CA LEU C 204 -7.52 26.41 6.67
C LEU C 204 -7.27 27.64 7.60
N LEU C 205 -7.32 28.86 7.01
CA LEU C 205 -7.16 30.16 7.69
C LEU C 205 -8.23 30.45 8.74
N LEU C 206 -9.50 30.12 8.44
CA LEU C 206 -10.60 30.28 9.39
C LEU C 206 -10.54 29.20 10.48
N GLY C 207 -9.89 28.06 10.16
CA GLY C 207 -9.81 26.93 11.06
C GLY C 207 -11.13 26.18 11.02
N MET C 208 -11.43 25.63 9.83
CA MET C 208 -12.62 24.85 9.46
C MET C 208 -12.16 23.51 8.91
N ALA C 209 -10.96 23.49 8.30
CA ALA C 209 -10.44 22.26 7.73
C ALA C 209 -8.93 22.02 7.97
N TRP C 210 -8.49 20.80 7.63
CA TRP C 210 -7.14 20.27 7.73
C TRP C 210 -6.53 20.07 6.35
N PRO C 211 -5.18 19.97 6.21
CA PRO C 211 -4.60 19.68 4.89
C PRO C 211 -4.99 18.29 4.34
N ARG C 212 -5.44 17.34 5.23
CA ARG C 212 -5.95 16.01 4.85
C ARG C 212 -7.22 16.21 4.01
N ASP C 213 -8.21 16.96 4.58
CA ASP C 213 -9.52 17.31 4.02
C ASP C 213 -9.36 17.82 2.59
N LEU C 214 -8.49 18.84 2.41
CA LEU C 214 -8.18 19.54 1.17
C LEU C 214 -7.50 18.70 0.07
N VAL C 215 -6.64 17.72 0.49
CA VAL C 215 -5.90 16.79 -0.39
C VAL C 215 -6.84 15.75 -0.96
N VAL C 216 -7.64 15.13 -0.09
CA VAL C 216 -8.65 14.14 -0.43
C VAL C 216 -9.83 14.79 -1.22
N ALA C 217 -10.15 16.10 -0.94
CA ALA C 217 -11.20 16.88 -1.62
C ALA C 217 -10.91 16.98 -3.12
N THR C 218 -9.75 17.62 -3.52
CA THR C 218 -9.30 17.74 -4.93
C THR C 218 -9.27 16.36 -5.60
N LEU C 219 -8.92 15.29 -4.86
CA LEU C 219 -8.86 13.94 -5.42
C LEU C 219 -10.24 13.42 -5.82
N ILE C 220 -11.27 13.62 -4.97
CA ILE C 220 -12.64 13.18 -5.29
C ILE C 220 -13.17 14.07 -6.43
N SER C 221 -13.04 15.44 -6.29
CA SER C 221 -13.43 16.47 -7.26
C SER C 221 -12.84 16.15 -8.63
N TRP C 222 -11.58 15.65 -8.66
CA TRP C 222 -10.90 15.24 -9.89
C TRP C 222 -11.59 14.05 -10.50
N ALA C 223 -11.69 12.91 -9.75
CA ALA C 223 -12.32 11.68 -10.19
C ALA C 223 -13.75 11.90 -10.70
N LEU C 224 -14.52 12.80 -10.03
CA LEU C 224 -15.88 13.18 -10.41
C LEU C 224 -15.91 14.01 -11.68
N VAL C 225 -15.06 15.09 -11.75
CA VAL C 225 -14.92 15.98 -12.93
C VAL C 225 -14.45 15.19 -14.20
N ALA C 226 -13.50 14.24 -14.03
CA ALA C 226 -12.96 13.40 -15.10
C ALA C 226 -14.04 12.52 -15.73
N VAL C 227 -15.17 12.35 -15.05
CA VAL C 227 -16.30 11.59 -15.55
C VAL C 227 -17.31 12.56 -16.13
N ALA C 228 -17.68 13.59 -15.34
CA ALA C 228 -18.62 14.65 -15.68
C ALA C 228 -18.25 15.33 -16.99
N THR C 229 -16.96 15.68 -17.19
CA THR C 229 -16.47 16.30 -18.44
C THR C 229 -16.41 15.29 -19.58
N TRP C 230 -16.26 13.98 -19.26
CA TRP C 230 -16.27 12.92 -20.27
C TRP C 230 -17.67 12.79 -20.79
N LEU C 231 -18.67 12.72 -19.88
CA LEU C 231 -20.09 12.59 -20.22
C LEU C 231 -20.53 13.78 -21.04
N ALA C 232 -20.11 14.99 -20.63
CA ALA C 232 -20.39 16.26 -21.31
C ALA C 232 -19.88 16.27 -22.74
N GLN C 233 -18.75 15.57 -23.00
CA GLN C 233 -18.17 15.46 -24.35
C GLN C 233 -19.03 14.50 -25.20
N ARG C 234 -19.35 13.31 -24.64
CA ARG C 234 -20.15 12.28 -25.31
C ARG C 234 -21.60 12.70 -25.56
N ILE C 235 -22.30 13.21 -24.52
CA ILE C 235 -23.71 13.56 -24.61
C ILE C 235 -23.98 14.94 -25.27
N CYS C 236 -23.37 16.04 -24.76
CA CYS C 236 -23.63 17.40 -25.29
C CYS C 236 -23.01 17.65 -26.65
N GLY C 237 -21.75 17.25 -26.82
CA GLY C 237 -21.02 17.40 -28.06
C GLY C 237 -19.55 17.71 -27.87
N PRO C 238 -18.78 17.88 -28.98
CA PRO C 238 -17.36 18.20 -28.82
C PRO C 238 -17.18 19.62 -28.33
N LEU C 239 -16.14 19.83 -27.53
CA LEU C 239 -15.79 21.13 -26.96
C LEU C 239 -15.30 22.01 -28.12
N THR C 240 -14.44 21.42 -29.00
CA THR C 240 -13.84 22.02 -30.21
C THR C 240 -14.71 21.91 -31.48
N PRO C 241 -14.70 22.96 -32.36
CA PRO C 241 -15.46 22.88 -33.62
C PRO C 241 -14.62 22.32 -34.77
N MET D 3 -5.02 -36.08 29.12
CA MET D 3 -5.38 -36.55 27.78
C MET D 3 -5.96 -35.45 26.91
N ARG D 4 -6.92 -34.67 27.45
CA ARG D 4 -7.59 -33.55 26.76
C ARG D 4 -6.58 -32.68 26.02
N SER D 5 -5.41 -32.41 26.67
CA SER D 5 -4.30 -31.61 26.18
C SER D 5 -3.63 -32.24 24.97
N ILE D 6 -3.25 -33.52 25.10
CA ILE D 6 -2.61 -34.33 24.05
C ILE D 6 -3.42 -34.26 22.72
N ALA D 7 -4.75 -34.45 22.81
CA ALA D 7 -5.70 -34.38 21.70
C ALA D 7 -5.75 -32.97 21.09
N ARG D 8 -5.76 -31.89 21.91
CA ARG D 8 -5.76 -30.50 21.41
C ARG D 8 -4.42 -30.15 20.74
N ARG D 9 -3.30 -30.34 21.46
CA ARG D 9 -1.91 -30.11 21.03
C ARG D 9 -1.63 -30.76 19.67
N THR D 10 -1.86 -32.08 19.58
CA THR D 10 -1.62 -32.81 18.34
C THR D 10 -2.62 -32.36 17.27
N ALA D 11 -3.90 -32.04 17.65
CA ALA D 11 -4.90 -31.57 16.70
C ALA D 11 -4.50 -30.26 16.05
N VAL D 12 -3.78 -29.37 16.80
CA VAL D 12 -3.26 -28.09 16.29
C VAL D 12 -2.22 -28.35 15.19
N GLY D 13 -1.31 -29.31 15.45
CA GLY D 13 -0.28 -29.72 14.51
C GLY D 13 -0.82 -30.42 13.29
N ALA D 14 -1.91 -31.18 13.49
CA ALA D 14 -2.64 -31.91 12.44
C ALA D 14 -3.24 -30.87 11.50
N ALA D 15 -3.82 -29.80 12.09
CA ALA D 15 -4.41 -28.67 11.36
C ALA D 15 -3.40 -28.04 10.43
N LEU D 16 -2.18 -27.77 10.95
CA LEU D 16 -1.05 -27.16 10.23
C LEU D 16 -0.55 -28.02 9.07
N LEU D 17 -0.60 -29.35 9.21
CA LEU D 17 -0.16 -30.24 8.13
C LEU D 17 -1.24 -30.34 7.05
N LEU D 18 -2.53 -30.48 7.52
CA LEU D 18 -3.75 -30.56 6.70
C LEU D 18 -3.93 -29.44 5.66
N VAL D 19 -3.34 -28.26 5.91
CA VAL D 19 -3.37 -27.04 5.07
C VAL D 19 -2.97 -27.31 3.65
N MET D 20 -1.78 -27.90 3.48
CA MET D 20 -1.18 -28.21 2.19
C MET D 20 -2.11 -29.05 1.28
N PRO D 21 -2.58 -30.26 1.67
CA PRO D 21 -3.48 -31.03 0.79
C PRO D 21 -4.87 -30.44 0.62
N VAL D 22 -5.39 -29.75 1.65
CA VAL D 22 -6.69 -29.10 1.59
C VAL D 22 -6.69 -28.00 0.54
N ALA D 23 -5.61 -27.20 0.47
CA ALA D 23 -5.46 -26.16 -0.53
C ALA D 23 -5.29 -26.79 -1.94
N VAL D 24 -4.50 -27.89 -2.05
CA VAL D 24 -4.26 -28.66 -3.30
C VAL D 24 -5.59 -29.28 -3.80
N TRP D 25 -6.49 -29.62 -2.87
CA TRP D 25 -7.81 -30.16 -3.15
C TRP D 25 -8.71 -29.06 -3.75
N ILE D 26 -8.76 -27.88 -3.08
CA ILE D 26 -9.57 -26.71 -3.45
C ILE D 26 -9.13 -26.17 -4.82
N SER D 27 -7.83 -26.28 -5.13
CA SER D 27 -7.31 -25.84 -6.41
C SER D 27 -7.75 -26.77 -7.53
N GLY D 28 -7.99 -28.03 -7.18
CA GLY D 28 -8.38 -29.07 -8.13
C GLY D 28 -7.20 -29.45 -8.99
N TRP D 29 -6.00 -29.35 -8.38
CA TRP D 29 -4.71 -29.64 -9.00
C TRP D 29 -4.62 -31.10 -9.39
N ARG D 30 -4.28 -31.33 -10.67
CA ARG D 30 -4.09 -32.65 -11.27
C ARG D 30 -2.63 -32.74 -11.78
N TRP D 31 -1.88 -33.71 -11.23
CA TRP D 31 -0.47 -33.94 -11.55
C TRP D 31 -0.25 -34.14 -13.05
N GLN D 32 0.82 -33.53 -13.59
CA GLN D 32 1.21 -33.66 -14.98
C GLN D 32 2.67 -34.16 -15.08
N PRO D 33 3.07 -34.89 -16.16
CA PRO D 33 4.43 -35.42 -16.22
C PRO D 33 5.49 -34.44 -16.74
N GLY D 34 6.76 -34.81 -16.50
CA GLY D 34 7.94 -34.05 -16.90
C GLY D 34 8.04 -32.65 -16.32
N GLU D 35 7.53 -32.48 -15.09
CA GLU D 35 7.46 -31.23 -14.30
C GLU D 35 8.82 -30.58 -14.04
N GLN D 36 8.84 -29.55 -13.17
CA GLN D 36 10.05 -28.78 -12.85
C GLN D 36 11.18 -29.67 -12.31
N SER D 37 12.13 -30.01 -13.22
CA SER D 37 13.30 -30.88 -13.04
C SER D 37 14.07 -30.65 -11.74
N TRP D 38 14.33 -29.38 -11.40
CA TRP D 38 15.06 -28.99 -10.20
C TRP D 38 14.21 -29.24 -8.94
N LEU D 39 12.89 -29.03 -9.04
CA LEU D 39 11.94 -29.19 -7.94
C LEU D 39 11.61 -30.67 -7.73
N LEU D 40 11.68 -31.47 -8.81
CA LEU D 40 11.41 -32.92 -8.78
C LEU D 40 12.55 -33.67 -8.09
N LYS D 41 13.82 -33.29 -8.37
CA LYS D 41 15.02 -33.87 -7.75
C LYS D 41 14.99 -33.53 -6.25
N ALA D 42 14.57 -32.28 -5.96
CA ALA D 42 14.41 -31.73 -4.60
C ALA D 42 13.35 -32.54 -3.87
N ALA D 43 12.17 -32.74 -4.51
CA ALA D 43 11.03 -33.52 -3.99
C ALA D 43 11.48 -34.97 -3.71
N PHE D 44 12.25 -35.56 -4.64
CA PHE D 44 12.78 -36.92 -4.52
C PHE D 44 13.72 -37.06 -3.33
N TRP D 45 14.54 -36.02 -3.02
CA TRP D 45 15.44 -36.02 -1.86
C TRP D 45 14.65 -36.11 -0.53
N VAL D 46 13.60 -35.27 -0.38
CA VAL D 46 12.75 -35.20 0.82
C VAL D 46 11.98 -36.54 0.94
N THR D 47 11.70 -37.17 -0.21
CA THR D 47 11.00 -38.45 -0.34
C THR D 47 11.93 -39.58 0.09
N GLU D 48 13.23 -39.50 -0.28
CA GLU D 48 14.26 -40.48 0.08
C GLU D 48 14.53 -40.52 1.59
N THR D 49 14.09 -39.48 2.34
CA THR D 49 14.23 -39.42 3.80
C THR D 49 13.28 -40.40 4.49
N VAL D 50 12.18 -40.79 3.81
CA VAL D 50 11.15 -41.69 4.31
C VAL D 50 11.21 -43.09 3.64
N THR D 51 11.52 -43.19 2.32
CA THR D 51 11.63 -44.49 1.60
C THR D 51 12.74 -45.31 2.25
N GLN D 52 12.43 -46.57 2.61
CA GLN D 52 13.35 -47.52 3.24
C GLN D 52 14.59 -47.79 2.37
N PRO D 53 15.82 -47.99 2.93
CA PRO D 53 16.19 -48.15 4.35
C PRO D 53 16.19 -46.90 5.22
N TRP D 54 16.20 -45.71 4.60
CA TRP D 54 16.24 -44.41 5.27
C TRP D 54 15.03 -44.13 6.17
N GLY D 55 13.97 -44.96 6.04
CA GLY D 55 12.75 -44.92 6.85
C GLY D 55 13.00 -45.36 8.29
N VAL D 56 13.91 -46.35 8.47
CA VAL D 56 14.32 -46.86 9.78
C VAL D 56 15.31 -45.85 10.41
N ILE D 57 16.34 -45.44 9.64
CA ILE D 57 17.37 -44.45 10.02
C ILE D 57 16.74 -43.19 10.64
N THR D 58 15.75 -42.59 9.93
CA THR D 58 15.00 -41.40 10.35
C THR D 58 14.26 -41.67 11.65
N HIS D 59 13.46 -42.78 11.72
CA HIS D 59 12.71 -43.17 12.92
C HIS D 59 13.66 -43.24 14.11
N LEU D 60 14.85 -43.84 13.90
CA LEU D 60 15.87 -43.98 14.94
C LEU D 60 16.49 -42.65 15.32
N ILE D 61 17.01 -41.88 14.34
CA ILE D 61 17.59 -40.55 14.56
C ILE D 61 16.59 -39.67 15.34
N LEU D 62 15.33 -39.66 14.88
CA LEU D 62 14.23 -38.92 15.51
C LEU D 62 14.01 -39.38 16.93
N PHE D 63 13.84 -40.71 17.16
CA PHE D 63 13.66 -41.26 18.51
C PHE D 63 14.82 -40.86 19.42
N GLY D 64 16.04 -40.88 18.87
CA GLY D 64 17.27 -40.49 19.57
C GLY D 64 17.23 -39.06 20.04
N TRP D 65 16.73 -38.15 19.18
CA TRP D 65 16.57 -36.74 19.50
C TRP D 65 15.40 -36.51 20.45
N PHE D 66 14.30 -37.27 20.26
CA PHE D 66 13.09 -37.24 21.09
C PHE D 66 13.41 -37.63 22.52
N LEU D 67 13.99 -38.83 22.73
CA LEU D 67 14.41 -39.30 24.05
C LEU D 67 15.38 -38.32 24.70
N TRP D 68 16.29 -37.73 23.90
CA TRP D 68 17.25 -36.73 24.37
C TRP D 68 16.54 -35.51 24.93
N CYS D 69 15.44 -35.07 24.30
CA CYS D 69 14.67 -33.92 24.76
C CYS D 69 13.89 -34.24 26.03
N LEU D 70 13.03 -35.28 25.96
CA LEU D 70 12.14 -35.79 27.02
C LEU D 70 12.90 -36.12 28.31
N ARG D 71 14.15 -36.60 28.17
CA ARG D 71 15.10 -36.95 29.22
C ARG D 71 14.56 -38.01 30.17
N PHE D 72 14.39 -39.23 29.64
CA PHE D 72 13.87 -40.39 30.37
C PHE D 72 14.99 -41.27 30.91
N ARG D 73 14.64 -42.09 31.91
CA ARG D 73 15.50 -43.10 32.53
C ARG D 73 15.71 -44.25 31.52
N ILE D 74 16.65 -45.18 31.78
CA ILE D 74 16.91 -46.31 30.88
C ILE D 74 15.65 -47.19 30.70
N LYS D 75 14.98 -47.51 31.82
CA LYS D 75 13.75 -48.31 31.88
C LYS D 75 12.63 -47.64 31.06
N ALA D 76 12.41 -46.33 31.26
CA ALA D 76 11.40 -45.54 30.55
C ALA D 76 11.75 -45.29 29.06
N ALA D 77 13.06 -45.20 28.72
CA ALA D 77 13.56 -45.02 27.34
C ALA D 77 13.13 -46.19 26.45
N PHE D 78 13.28 -47.42 27.00
CA PHE D 78 12.89 -48.69 26.39
C PHE D 78 11.42 -48.67 26.03
N VAL D 79 10.58 -48.27 27.01
CA VAL D 79 9.13 -48.16 26.88
C VAL D 79 8.78 -47.11 25.82
N LEU D 80 9.49 -45.97 25.80
CA LEU D 80 9.27 -44.93 24.80
C LEU D 80 9.59 -45.46 23.39
N PHE D 81 10.77 -46.11 23.25
CA PHE D 81 11.26 -46.70 22.01
C PHE D 81 10.25 -47.68 21.43
N ALA D 82 9.65 -48.49 22.29
CA ALA D 82 8.63 -49.44 21.93
C ALA D 82 7.38 -48.70 21.53
N ILE D 83 6.94 -47.67 22.31
CA ILE D 83 5.73 -46.87 22.06
C ILE D 83 5.83 -46.20 20.68
N LEU D 84 6.95 -45.48 20.39
CA LEU D 84 7.20 -44.83 19.09
C LEU D 84 7.23 -45.86 17.94
N ALA D 85 7.93 -47.01 18.17
CA ALA D 85 8.03 -48.08 17.19
C ALA D 85 6.61 -48.57 16.90
N ALA D 86 5.87 -49.00 17.95
CA ALA D 86 4.49 -49.47 17.87
C ALA D 86 3.59 -48.48 17.14
N ALA D 87 3.79 -47.17 17.38
CA ALA D 87 3.01 -46.09 16.76
C ALA D 87 3.24 -46.00 15.26
N ILE D 88 4.51 -45.91 14.81
CA ILE D 88 4.82 -45.84 13.38
C ILE D 88 4.46 -47.18 12.68
N LEU D 89 4.59 -48.32 13.40
CA LEU D 89 4.23 -49.65 12.88
C LEU D 89 2.72 -49.77 12.66
N VAL D 90 1.90 -49.39 13.67
CA VAL D 90 0.43 -49.42 13.59
C VAL D 90 -0.03 -48.53 12.44
N GLY D 91 0.55 -47.32 12.33
CA GLY D 91 0.28 -46.35 11.26
C GLY D 91 0.42 -46.95 9.87
N GLN D 92 1.51 -47.70 9.66
CA GLN D 92 1.78 -48.38 8.41
C GLN D 92 0.97 -49.69 8.28
N GLY D 93 0.55 -50.24 9.41
CA GLY D 93 -0.27 -51.45 9.42
C GLY D 93 -1.72 -51.18 9.08
N VAL D 94 -2.20 -49.98 9.48
CA VAL D 94 -3.54 -49.46 9.24
C VAL D 94 -3.62 -49.19 7.75
N LYS D 95 -2.58 -48.53 7.23
CA LYS D 95 -2.30 -48.16 5.83
C LYS D 95 -2.63 -49.29 4.85
N SER D 96 -2.12 -50.49 5.16
CA SER D 96 -2.26 -51.71 4.36
C SER D 96 -3.69 -52.25 4.42
N TRP D 97 -4.24 -52.49 5.64
CA TRP D 97 -5.62 -53.00 5.74
C TRP D 97 -6.65 -51.95 5.34
N ILE D 98 -6.18 -50.91 4.60
CA ILE D 98 -6.94 -49.82 3.97
C ILE D 98 -6.64 -49.84 2.49
N LYS D 99 -5.35 -49.83 2.11
CA LYS D 99 -4.88 -49.82 0.70
C LYS D 99 -5.55 -50.90 -0.13
N ASP D 100 -5.52 -52.16 0.39
CA ASP D 100 -6.07 -53.39 -0.17
C ASP D 100 -7.58 -53.38 -0.26
N LYS D 101 -8.22 -52.56 0.60
CA LYS D 101 -9.66 -52.44 0.69
C LYS D 101 -10.24 -51.31 -0.16
N VAL D 102 -9.51 -50.19 -0.32
CA VAL D 102 -9.96 -49.03 -1.11
C VAL D 102 -9.52 -49.16 -2.60
N GLN D 103 -8.43 -49.90 -2.85
CA GLN D 103 -7.88 -50.23 -4.18
C GLN D 103 -7.71 -48.99 -5.12
N GLU D 104 -7.08 -47.91 -4.58
CA GLU D 104 -6.82 -46.61 -5.21
C GLU D 104 -5.70 -46.61 -6.26
N PRO D 105 -5.95 -46.17 -7.52
CA PRO D 105 -4.88 -46.14 -8.54
C PRO D 105 -3.93 -44.94 -8.42
N ARG D 106 -2.60 -45.17 -8.26
CA ARG D 106 -1.57 -44.11 -8.13
C ARG D 106 -1.61 -43.08 -9.29
N PRO D 107 -1.33 -41.76 -9.03
CA PRO D 107 -1.41 -40.76 -10.13
C PRO D 107 -0.63 -41.09 -11.39
N PHE D 108 0.65 -41.49 -11.27
CA PHE D 108 1.47 -41.83 -12.42
C PHE D 108 0.88 -42.99 -13.26
N VAL D 109 0.27 -43.98 -12.57
CA VAL D 109 -0.37 -45.16 -13.17
C VAL D 109 -1.53 -44.72 -14.05
N ILE D 110 -2.42 -43.84 -13.52
CA ILE D 110 -3.57 -43.30 -14.25
C ILE D 110 -3.07 -42.63 -15.56
N TRP D 111 -1.95 -41.87 -15.51
CA TRP D 111 -1.39 -41.25 -16.70
C TRP D 111 -0.77 -42.28 -17.65
N LEU D 112 0.14 -43.14 -17.14
CA LEU D 112 0.88 -44.15 -17.92
C LEU D 112 -0.04 -45.13 -18.65
N GLU D 113 -1.09 -45.62 -17.95
CA GLU D 113 -2.06 -46.56 -18.51
C GLU D 113 -3.08 -45.86 -19.39
N LYS D 114 -3.41 -44.59 -19.11
CA LYS D 114 -4.31 -43.83 -19.98
C LYS D 114 -3.56 -43.49 -21.27
N THR D 115 -2.24 -43.18 -21.20
CA THR D 115 -1.41 -42.87 -22.37
C THR D 115 -1.14 -44.07 -23.24
N HIS D 116 -0.99 -45.26 -22.61
CA HIS D 116 -0.78 -46.51 -23.34
C HIS D 116 -2.13 -47.19 -23.65
N HIS D 117 -3.24 -46.48 -23.39
CA HIS D 117 -4.66 -46.84 -23.58
C HIS D 117 -4.95 -48.29 -23.12
N ILE D 118 -4.42 -48.64 -21.91
CA ILE D 118 -4.55 -49.88 -21.15
C ILE D 118 -5.46 -49.54 -19.95
N PRO D 119 -6.54 -50.31 -19.68
CA PRO D 119 -7.40 -49.97 -18.53
C PRO D 119 -6.65 -50.05 -17.19
N VAL D 120 -6.86 -49.05 -16.33
CA VAL D 120 -6.18 -48.98 -15.03
C VAL D 120 -6.63 -50.13 -14.10
N ASP D 121 -7.91 -50.56 -14.24
CA ASP D 121 -8.48 -51.68 -13.48
C ASP D 121 -7.86 -53.00 -13.91
N GLU D 122 -7.62 -53.18 -15.24
CA GLU D 122 -6.97 -54.37 -15.83
C GLU D 122 -5.46 -54.35 -15.56
N PHE D 123 -4.87 -53.16 -15.40
CA PHE D 123 -3.45 -53.04 -15.06
C PHE D 123 -3.24 -53.62 -13.65
N TYR D 124 -4.16 -53.29 -12.69
CA TYR D 124 -4.10 -53.75 -11.31
C TYR D 124 -4.56 -55.20 -11.08
N THR D 125 -5.00 -55.88 -12.17
CA THR D 125 -5.42 -57.27 -12.16
C THR D 125 -4.13 -58.14 -12.15
N LEU D 126 -3.05 -57.59 -12.74
CA LEU D 126 -1.73 -58.20 -12.89
C LEU D 126 -0.96 -58.32 -11.57
N LYS D 127 0.05 -59.22 -11.57
CA LYS D 127 0.97 -59.50 -10.47
C LYS D 127 1.83 -58.24 -10.27
N ARG D 128 2.03 -57.81 -8.99
CA ARG D 128 2.84 -56.61 -8.64
C ARG D 128 4.24 -56.67 -9.26
N ALA D 129 4.71 -57.91 -9.53
CA ALA D 129 5.99 -58.25 -10.17
C ALA D 129 5.91 -57.91 -11.64
N GLU D 130 4.83 -58.34 -12.32
CA GLU D 130 4.66 -58.09 -13.76
C GLU D 130 4.16 -56.67 -14.04
N ARG D 131 3.59 -55.98 -13.03
CA ARG D 131 3.16 -54.59 -13.18
C ARG D 131 4.42 -53.73 -13.26
N GLY D 132 5.42 -54.07 -12.43
CA GLY D 132 6.73 -53.44 -12.41
C GLY D 132 7.52 -53.71 -13.68
N ASN D 133 7.31 -54.89 -14.28
CA ASN D 133 7.92 -55.32 -15.53
C ASN D 133 7.32 -54.49 -16.70
N LEU D 134 6.01 -54.21 -16.61
CA LEU D 134 5.23 -53.45 -17.58
C LEU D 134 5.58 -51.97 -17.52
N VAL D 135 5.64 -51.39 -16.28
CA VAL D 135 5.96 -49.99 -16.01
C VAL D 135 7.39 -49.62 -16.44
N LYS D 136 8.36 -50.58 -16.31
CA LYS D 136 9.76 -50.42 -16.74
C LYS D 136 9.82 -50.27 -18.26
N GLU D 137 9.01 -51.09 -18.93
CA GLU D 137 8.95 -51.20 -20.37
C GLU D 137 8.11 -50.10 -21.04
N GLN D 138 7.02 -49.66 -20.40
CA GLN D 138 6.18 -48.58 -20.93
C GLN D 138 6.87 -47.21 -20.79
N LEU D 139 7.55 -46.98 -19.65
CA LEU D 139 8.27 -45.74 -19.33
C LEU D 139 9.50 -45.56 -20.16
N ALA D 140 10.16 -46.67 -20.56
CA ALA D 140 11.36 -46.67 -21.41
C ALA D 140 11.07 -46.02 -22.77
N GLU D 141 9.77 -46.00 -23.17
CA GLU D 141 9.27 -45.40 -24.42
C GLU D 141 9.08 -43.86 -24.27
N GLU D 142 8.78 -43.37 -23.04
CA GLU D 142 8.56 -41.94 -22.71
C GLU D 142 9.83 -41.08 -22.86
N LYS D 143 10.93 -41.46 -22.14
CA LYS D 143 12.26 -40.83 -22.12
C LYS D 143 12.24 -39.39 -21.57
N ASN D 144 11.04 -38.79 -21.51
CA ASN D 144 10.76 -37.46 -21.00
C ASN D 144 10.85 -37.45 -19.47
N ILE D 145 10.61 -38.64 -18.84
CA ILE D 145 10.64 -38.89 -17.40
C ILE D 145 12.06 -39.27 -16.93
N PRO D 146 12.59 -38.63 -15.83
CA PRO D 146 13.97 -38.93 -15.40
C PRO D 146 14.16 -40.33 -14.83
N GLN D 147 15.37 -40.90 -15.02
CA GLN D 147 15.73 -42.25 -14.60
C GLN D 147 15.59 -42.51 -13.09
N TYR D 148 15.76 -41.48 -12.22
CA TYR D 148 15.61 -41.68 -10.77
C TYR D 148 14.15 -41.98 -10.38
N LEU D 149 13.23 -41.27 -11.04
CA LEU D 149 11.79 -41.35 -10.88
C LEU D 149 11.25 -42.59 -11.59
N ARG D 150 11.72 -42.82 -12.84
CA ARG D 150 11.37 -43.95 -13.71
C ARG D 150 11.58 -45.30 -13.00
N SER D 151 12.73 -45.46 -12.30
CA SER D 151 13.12 -46.65 -11.53
C SER D 151 12.33 -46.76 -10.21
N HIS D 152 11.97 -45.60 -9.63
CA HIS D 152 11.20 -45.53 -8.39
C HIS D 152 9.77 -45.94 -8.66
N TRP D 153 9.26 -45.62 -9.87
CA TRP D 153 7.90 -45.96 -10.28
C TRP D 153 7.71 -47.46 -10.44
N GLN D 154 8.64 -48.16 -11.17
CA GLN D 154 8.61 -49.63 -11.38
C GLN D 154 8.61 -50.34 -10.02
N LYS D 155 9.49 -49.84 -9.13
CA LYS D 155 9.73 -50.29 -7.76
C LYS D 155 8.47 -50.20 -6.90
N GLU D 156 7.81 -49.03 -6.85
CA GLU D 156 6.67 -48.81 -5.97
C GLU D 156 5.34 -49.36 -6.48
N THR D 157 4.95 -49.07 -7.76
CA THR D 157 3.68 -49.51 -8.41
C THR D 157 2.51 -49.45 -7.38
N GLY D 158 1.76 -50.55 -7.21
CA GLY D 158 0.69 -50.70 -6.22
C GLY D 158 -0.39 -49.62 -6.10
N PHE D 159 -1.11 -49.62 -4.96
CA PHE D 159 -2.20 -48.68 -4.69
C PHE D 159 -1.75 -47.38 -3.98
N ALA D 160 -2.61 -46.31 -3.95
CA ALA D 160 -2.23 -45.00 -3.41
C ALA D 160 -2.91 -44.50 -2.10
N PHE D 161 -4.12 -45.00 -1.73
CA PHE D 161 -4.87 -44.50 -0.55
C PHE D 161 -4.84 -45.39 0.70
N PRO D 162 -4.53 -44.84 1.92
CA PRO D 162 -4.01 -43.48 2.21
C PRO D 162 -2.54 -43.34 1.79
N SER D 163 -1.91 -42.20 2.10
CA SER D 163 -0.52 -41.96 1.72
C SER D 163 0.44 -42.52 2.77
N GLY D 164 1.29 -43.45 2.34
CA GLY D 164 2.27 -44.14 3.19
C GLY D 164 3.32 -43.27 3.85
N HIS D 165 4.04 -42.47 3.03
CA HIS D 165 5.11 -41.55 3.47
C HIS D 165 4.61 -40.52 4.44
N THR D 166 3.38 -40.09 4.22
CA THR D 166 2.68 -39.09 5.03
C THR D 166 2.19 -39.68 6.37
N MET D 167 2.20 -41.02 6.52
CA MET D 167 1.78 -41.67 7.78
C MET D 167 2.96 -42.09 8.64
N PHE D 168 4.17 -41.76 8.15
CA PHE D 168 5.45 -41.85 8.84
C PHE D 168 5.77 -40.39 9.26
N ALA D 169 5.96 -39.50 8.25
CA ALA D 169 6.30 -38.08 8.43
C ALA D 169 5.30 -37.26 9.25
N ALA D 170 3.97 -37.39 8.98
CA ALA D 170 2.95 -36.68 9.75
C ALA D 170 3.00 -37.14 11.20
N SER D 171 3.07 -38.48 11.42
CA SER D 171 3.15 -39.06 12.77
C SER D 171 4.31 -38.48 13.58
N TRP D 172 5.52 -38.30 12.95
CA TRP D 172 6.69 -37.76 13.66
C TRP D 172 6.57 -36.26 13.97
N ALA D 173 5.94 -35.46 13.07
CA ALA D 173 5.70 -34.03 13.35
C ALA D 173 4.64 -33.94 14.47
N LEU D 174 3.65 -34.86 14.45
CA LEU D 174 2.59 -34.92 15.45
C LEU D 174 3.11 -35.43 16.80
N LEU D 175 4.07 -36.37 16.79
CA LEU D 175 4.71 -36.88 18.00
C LEU D 175 5.52 -35.76 18.64
N ALA D 176 6.06 -34.82 17.80
CA ALA D 176 6.81 -33.66 18.27
C ALA D 176 5.90 -32.73 19.06
N VAL D 177 4.64 -32.51 18.57
CA VAL D 177 3.68 -31.69 19.34
C VAL D 177 3.13 -32.47 20.55
N GLY D 178 3.04 -33.78 20.41
CA GLY D 178 2.55 -34.64 21.48
C GLY D 178 3.53 -34.95 22.58
N LEU D 179 4.84 -34.69 22.36
CA LEU D 179 5.83 -35.02 23.38
C LEU D 179 6.82 -33.92 23.71
N LEU D 180 7.13 -33.06 22.74
CA LEU D 180 8.14 -32.01 22.91
C LEU D 180 7.56 -30.60 23.07
N TRP D 181 6.24 -30.45 22.98
CA TRP D 181 5.60 -29.16 23.23
C TRP D 181 5.50 -28.84 24.73
N PRO D 182 5.35 -29.80 25.67
CA PRO D 182 5.30 -29.43 27.10
C PRO D 182 6.64 -28.89 27.59
N ARG D 183 7.74 -29.38 26.97
CA ARG D 183 9.13 -28.95 27.21
C ARG D 183 9.37 -27.66 26.38
N ARG D 184 8.39 -27.32 25.52
CA ARG D 184 8.32 -26.16 24.61
C ARG D 184 9.50 -26.11 23.62
N ARG D 185 9.85 -27.28 23.01
CA ARG D 185 10.92 -27.29 22.01
C ARG D 185 10.35 -27.00 20.61
N THR D 186 10.13 -25.69 20.36
CA THR D 186 9.59 -25.06 19.15
C THR D 186 10.37 -25.37 17.87
N LEU D 187 11.72 -25.24 17.92
CA LEU D 187 12.58 -25.49 16.76
C LEU D 187 12.29 -26.87 16.16
N THR D 188 12.30 -27.93 17.00
CA THR D 188 12.02 -29.31 16.61
C THR D 188 10.64 -29.44 15.99
N ILE D 189 9.59 -28.97 16.72
CA ILE D 189 8.21 -29.00 16.26
C ILE D 189 8.07 -28.34 14.87
N ALA D 190 8.62 -27.10 14.71
CA ALA D 190 8.62 -26.33 13.47
C ALA D 190 9.36 -27.04 12.35
N ILE D 191 10.59 -27.53 12.62
CA ILE D 191 11.40 -28.28 11.66
C ILE D 191 10.63 -29.50 11.15
N LEU D 192 10.15 -30.34 12.09
CA LEU D 192 9.41 -31.55 11.76
C LEU D 192 8.11 -31.29 11.01
N LEU D 193 7.43 -30.15 11.27
CA LEU D 193 6.20 -29.79 10.55
C LEU D 193 6.56 -29.47 9.10
N VAL D 194 7.59 -28.62 8.88
CA VAL D 194 8.08 -28.23 7.55
C VAL D 194 8.58 -29.45 6.80
N TRP D 195 9.34 -30.33 7.48
CA TRP D 195 9.84 -31.58 6.88
C TRP D 195 8.67 -32.47 6.45
N ALA D 196 7.70 -32.70 7.35
CA ALA D 196 6.55 -33.54 7.03
C ALA D 196 5.75 -32.95 5.89
N THR D 197 5.58 -31.61 5.84
CA THR D 197 4.86 -30.92 4.77
C THR D 197 5.58 -31.12 3.45
N GLY D 198 6.91 -31.07 3.50
CA GLY D 198 7.79 -31.29 2.34
C GLY D 198 7.79 -32.75 1.91
N VAL D 199 7.50 -33.68 2.87
CA VAL D 199 7.40 -35.12 2.62
C VAL D 199 6.02 -35.39 1.99
N MET D 200 4.99 -34.72 2.51
CA MET D 200 3.62 -34.81 2.01
C MET D 200 3.60 -34.24 0.59
N GLY D 201 4.17 -33.06 0.44
CA GLY D 201 4.27 -32.37 -0.83
C GLY D 201 4.89 -33.21 -1.91
N SER D 202 6.09 -33.75 -1.65
CA SER D 202 6.90 -34.57 -2.57
C SER D 202 6.14 -35.71 -3.27
N ARG D 203 5.21 -36.35 -2.54
CA ARG D 203 4.38 -37.43 -3.05
C ARG D 203 3.46 -36.91 -4.15
N LEU D 204 2.85 -35.72 -3.93
CA LEU D 204 1.97 -35.05 -4.89
C LEU D 204 2.79 -34.68 -6.14
N LEU D 205 4.00 -34.10 -5.93
CA LEU D 205 4.96 -33.65 -6.96
C LEU D 205 5.52 -34.79 -7.83
N LEU D 206 5.95 -35.91 -7.22
CA LEU D 206 6.45 -37.08 -7.94
C LEU D 206 5.32 -37.68 -8.77
N GLY D 207 4.11 -37.69 -8.21
CA GLY D 207 2.91 -38.24 -8.83
C GLY D 207 2.67 -39.63 -8.30
N MET D 208 2.76 -39.75 -6.98
CA MET D 208 2.60 -41.00 -6.23
C MET D 208 1.36 -40.99 -5.34
N ALA D 209 0.90 -39.78 -4.97
CA ALA D 209 -0.27 -39.64 -4.11
C ALA D 209 -1.24 -38.55 -4.57
N TRP D 210 -2.44 -38.62 -3.99
CA TRP D 210 -3.59 -37.75 -4.20
C TRP D 210 -3.79 -36.84 -2.95
N PRO D 211 -4.50 -35.69 -3.06
CA PRO D 211 -4.75 -34.89 -1.86
C PRO D 211 -5.67 -35.62 -0.87
N ARG D 212 -6.48 -36.60 -1.33
CA ARG D 212 -7.37 -37.43 -0.49
C ARG D 212 -6.48 -38.21 0.49
N ASP D 213 -5.50 -38.96 -0.07
CA ASP D 213 -4.52 -39.80 0.63
C ASP D 213 -3.85 -39.01 1.76
N LEU D 214 -3.30 -37.81 1.44
CA LEU D 214 -2.62 -36.87 2.35
C LEU D 214 -3.48 -36.28 3.52
N VAL D 215 -4.81 -36.01 3.27
CA VAL D 215 -5.80 -35.48 4.20
C VAL D 215 -6.18 -36.57 5.19
N VAL D 216 -6.49 -37.77 4.67
CA VAL D 216 -6.85 -38.94 5.46
C VAL D 216 -5.62 -39.47 6.26
N ALA D 217 -4.40 -39.37 5.67
CA ALA D 217 -3.13 -39.75 6.30
C ALA D 217 -2.87 -38.98 7.60
N THR D 218 -2.98 -37.63 7.55
CA THR D 218 -2.80 -36.69 8.68
C THR D 218 -3.88 -36.93 9.76
N LEU D 219 -5.03 -37.44 9.36
CA LEU D 219 -6.11 -37.71 10.30
C LEU D 219 -5.89 -39.01 11.06
N ILE D 220 -5.42 -40.09 10.39
CA ILE D 220 -5.12 -41.36 11.06
C ILE D 220 -3.89 -41.16 11.95
N SER D 221 -2.78 -40.55 11.42
CA SER D 221 -1.53 -40.23 12.12
C SER D 221 -1.83 -39.44 13.40
N TRP D 222 -2.84 -38.53 13.34
CA TRP D 222 -3.26 -37.74 14.50
C TRP D 222 -3.89 -38.64 15.54
N ALA D 223 -4.97 -39.38 15.17
CA ALA D 223 -5.70 -40.30 16.05
C ALA D 223 -4.75 -41.31 16.73
N LEU D 224 -3.75 -41.81 15.99
CA LEU D 224 -2.76 -42.75 16.48
C LEU D 224 -1.78 -42.08 17.44
N VAL D 225 -1.20 -40.90 17.06
CA VAL D 225 -0.28 -40.10 17.89
C VAL D 225 -0.94 -39.62 19.22
N ALA D 226 -2.24 -39.21 19.16
CA ALA D 226 -3.02 -38.77 20.31
C ALA D 226 -3.20 -39.86 21.37
N VAL D 227 -2.94 -41.12 20.96
CA VAL D 227 -3.01 -42.27 21.85
C VAL D 227 -1.61 -42.61 22.31
N ALA D 228 -0.70 -42.75 21.34
CA ALA D 228 0.72 -43.06 21.53
C ALA D 228 1.39 -42.09 22.51
N THR D 229 1.15 -40.77 22.37
CA THR D 229 1.70 -39.74 23.27
C THR D 229 0.99 -39.75 24.62
N TRP D 230 -0.29 -40.22 24.66
CA TRP D 230 -1.02 -40.36 25.91
C TRP D 230 -0.43 -41.49 26.70
N LEU D 231 -0.19 -42.66 26.04
CA LEU D 231 0.40 -43.86 26.65
C LEU D 231 1.78 -43.53 27.17
N ALA D 232 2.59 -42.81 26.36
CA ALA D 232 3.94 -42.38 26.69
C ALA D 232 3.97 -41.51 27.95
N GLN D 233 2.90 -40.73 28.20
CA GLN D 233 2.77 -39.88 29.38
C GLN D 233 2.48 -40.75 30.61
N ARG D 234 1.49 -41.66 30.49
CA ARG D 234 1.06 -42.57 31.55
C ARG D 234 2.14 -43.61 31.92
N ILE D 235 2.71 -44.32 30.93
CA ILE D 235 3.68 -45.39 31.16
C ILE D 235 5.13 -44.89 31.43
N CYS D 236 5.72 -44.08 30.53
CA CYS D 236 7.11 -43.61 30.68
C CYS D 236 7.28 -42.57 31.79
N GLY D 237 6.39 -41.59 31.83
CA GLY D 237 6.42 -40.54 32.84
C GLY D 237 6.00 -39.18 32.30
N PRO D 238 5.98 -38.13 33.15
CA PRO D 238 5.59 -36.80 32.66
C PRO D 238 6.68 -36.25 31.76
N LEU D 239 6.26 -35.48 30.76
CA LEU D 239 7.14 -34.83 29.80
C LEU D 239 7.88 -33.71 30.56
N THR D 240 7.15 -32.95 31.39
CA THR D 240 7.61 -31.84 32.25
C THR D 240 8.14 -32.29 33.65
N PRO D 241 9.21 -31.64 34.18
CA PRO D 241 9.71 -32.02 35.52
C PRO D 241 9.06 -31.17 36.62
C1 FPP E . -11.68 -1.06 12.77
O1 FPP E . -11.81 -2.50 12.83
C2 FPP E . -11.14 -0.72 11.39
C3 FPP E . -10.57 0.44 10.95
C4 FPP E . -10.43 1.68 11.77
C5 FPP E . -9.98 0.53 9.55
C6 FPP E . -10.94 0.06 8.41
C7 FPP E . -10.44 0.53 7.04
C8 FPP E . -11.15 1.10 5.99
C10 FPP E . -12.65 1.37 6.00
C9 FPP E . -10.35 1.55 4.74
C11 FPP E . -11.13 1.54 3.40
C12 FPP E . -10.44 2.38 2.33
C13 FPP E . -10.95 2.88 1.17
C14 FPP E . -10.09 3.70 0.27
C15 FPP E . -12.33 2.69 0.65
PA FPP E . -12.39 -3.37 14.05
O1A FPP E . -11.84 -2.89 15.35
O2A FPP E . -13.94 -3.07 14.05
O3A FPP E . -12.19 -4.96 13.89
PB FPP E . -11.18 -6.04 14.53
O1B FPP E . -10.32 -6.62 13.50
O2B FPP E . -10.26 -5.31 15.53
O3B FPP E . -12.02 -7.17 15.23
C1 FPP F . 25.18 23.18 -17.22
O1 FPP F . 24.09 22.28 -16.86
C2 FPP F . 25.41 24.12 -16.05
C3 FPP F . 26.24 25.20 -15.95
C4 FPP F . 27.15 25.67 -17.04
C5 FPP F . 26.28 26.04 -14.68
C6 FPP F . 26.38 25.22 -13.35
C7 FPP F . 27.17 26.02 -12.33
C8 FPP F . 28.34 25.70 -11.66
C10 FPP F . 29.08 24.39 -11.76
C9 FPP F . 29.07 26.77 -10.84
C11 FPP F . 28.52 26.96 -9.41
C12 FPP F . 29.30 28.07 -8.73
C13 FPP F . 30.26 28.01 -7.77
C14 FPP F . 30.88 29.27 -7.28
C15 FPP F . 30.79 26.79 -7.13
PA FPP F . 23.20 21.37 -17.87
O1A FPP F . 22.64 22.18 -18.98
O2A FPP F . 24.19 20.28 -18.46
O3A FPP F . 22.03 20.62 -17.11
PB FPP F . 20.52 20.39 -17.53
O1B FPP F . 19.63 21.35 -16.90
O2B FPP F . 20.40 20.62 -19.06
O3B FPP F . 20.13 18.94 -17.15
C1 FPP G . -20.42 23.17 3.32
O1 FPP G . -19.00 22.98 3.51
C2 FPP G . -20.69 23.50 1.84
C3 FPP G . -21.59 24.40 1.34
C4 FPP G . -22.54 25.22 2.17
C5 FPP G . -21.65 24.68 -0.14
C6 FPP G . -22.65 23.78 -0.89
C7 FPP G . -23.09 24.48 -2.17
C8 FPP G . -23.48 23.95 -3.39
C10 FPP G . -23.45 22.48 -3.70
C9 FPP G . -24.07 24.87 -4.48
C11 FPP G . -24.03 24.31 -5.93
C12 FPP G . -25.31 24.55 -6.68
C13 FPP G . -26.01 23.69 -7.44
C14 FPP G . -27.25 24.15 -8.14
C15 FPP G . -25.64 22.26 -7.66
PA FPP G . -18.24 22.48 4.86
O1A FPP G . -18.34 23.52 5.93
O2A FPP G . -19.06 21.21 5.35
O3A FPP G . -16.70 21.99 4.59
PB FPP G . -15.17 22.37 5.01
O1B FPP G . -14.47 22.84 3.84
O2B FPP G . -15.20 23.51 6.08
O3B FPP G . -14.41 21.10 5.54
C1 FPP H . 6.11 -46.63 0.97
O1 FPP H . 5.06 -45.65 0.91
C2 FPP H . 6.87 -46.40 2.26
C3 FPP H . 8.02 -47.01 2.63
C4 FPP H . 8.75 -48.03 1.80
C5 FPP H . 8.69 -46.65 3.94
C6 FPP H . 7.84 -46.94 5.21
C7 FPP H . 8.72 -46.78 6.43
C8 FPP H . 8.77 -47.56 7.57
C10 FPP H . 7.87 -48.75 7.77
C9 FPP H . 9.83 -47.26 8.66
C11 FPP H . 9.45 -47.69 10.13
C12 FPP H . 10.66 -47.79 11.04
C13 FPP H . 10.78 -48.38 12.26
C14 FPP H . 12.11 -48.35 12.97
C15 FPP H . 9.70 -49.10 12.99
PA FPP H . 3.90 -45.61 -0.20
O1A FPP H . 4.52 -45.52 -1.56
O2A FPP H . 3.08 -46.96 -0.07
O3A FPP H . 2.82 -44.43 0.01
PB FPP H . 2.52 -43.01 -0.63
O1B FPP H . 2.81 -42.00 0.38
O2B FPP H . 3.46 -42.83 -1.87
O3B FPP H . 1.02 -42.91 -1.03
#